data_8W6P
#
_entry.id   8W6P
#
_cell.length_a   122.225
_cell.length_b   122.225
_cell.length_c   79.557
_cell.angle_alpha   90.00
_cell.angle_beta   90.00
_cell.angle_gamma   90.00
#
_symmetry.space_group_name_H-M   'P 41'
#
loop_
_entity.id
_entity.type
_entity.pdbx_description
1 polymer 'Acid sphingomyelinase-like phosphodiesterase 3a'
2 branched 2-acetamido-2-deoxy-beta-D-glucopyranose-(1-4)-2-acetamido-2-deoxy-beta-D-glucopyranose
3 branched alpha-L-fucopyranose-(1-6)-2-acetamido-2-deoxy-beta-D-glucopyranose
4 branched beta-D-mannopyranose-(1-4)-2-acetamido-2-deoxy-beta-D-glucopyranose-(1-4)-2-acetamido-2-deoxy-beta-D-glucopyranose
5 non-polymer '[(2~{R},3~{S},4~{S})-3,4-bis(oxidanyl)oxolan-2-yl]methoxy-sulfanyl-phosphinic acid'
6 non-polymer 2-acetamido-2-deoxy-beta-D-glucopyranose
7 non-polymer 'ZINC ION'
8 non-polymer alpha-L-fucopyranose
9 non-polymer 'PHOSPHATE ION'
10 water water
#
_entity_poly.entity_id   1
_entity_poly.type   'polypeptide(L)'
_entity_poly.pdbx_seq_one_letter_code
;AVGQFWHVTDLHLDPTYHITDDRTKVCASSKGANASNPGPFGDVLCDSPYQLILSAFDFIKNSGQEASFMIWTGDSPPHV
PVPELSTGTVIKVITNMTMTVQNLFPNLQVFPALGNHDYWPQDQLPIVTSKVYSAVADLWKPWLGEEAISTLKKGGFYSQ
KVASNPGLRIISLNTNLYYGPNIMTLNKTDPANQFEWLENTLNSSLWNKEKVYIIAHVPVGYLPYATDTPAIRQYYNEKL
LDIFRRYSSVIAGQFYGHTHRDSLMVLSDKNGNPLNSVFVAPAVTPVKGVLQKETNNPGVRLFQYKPGDYTLLDMVQYYL
NLTEANLKGESNWTLEYVLTQAYSVADLQPKSLYALVQQFATKDSKQFLKYYHYYFVSYDSSATCDQHCKTLQVCAIMNL
DSMSYDDCLKQHL
;
_entity_poly.pdbx_strand_id   A,B
#
# COMPACT_ATOMS: atom_id res chain seq x y z
N VAL A 2 4.97 28.62 -18.22
CA VAL A 2 3.74 28.78 -17.46
C VAL A 2 4.08 28.97 -15.98
N GLY A 3 3.23 29.71 -15.24
CA GLY A 3 3.29 29.65 -13.79
C GLY A 3 2.39 28.54 -13.25
N GLN A 4 2.56 28.22 -11.96
CA GLN A 4 1.69 27.21 -11.37
C GLN A 4 1.55 27.30 -9.85
N PHE A 5 0.43 26.80 -9.35
CA PHE A 5 0.18 26.79 -7.93
C PHE A 5 -0.45 25.49 -7.47
N TRP A 6 -0.17 25.13 -6.21
CA TRP A 6 -0.75 23.92 -5.64
C TRP A 6 -2.06 24.25 -4.95
N HIS A 7 -2.99 23.29 -4.98
CA HIS A 7 -4.24 23.35 -4.23
C HIS A 7 -4.36 22.08 -3.40
N VAL A 8 -4.43 22.23 -2.07
CA VAL A 8 -4.74 21.12 -1.18
C VAL A 8 -5.92 21.52 -0.31
N THR A 9 -6.65 20.51 0.18
CA THR A 9 -7.88 20.80 0.91
C THR A 9 -8.32 19.61 1.75
N ASP A 10 -9.06 19.90 2.82
CA ASP A 10 -9.74 18.86 3.59
C ASP A 10 -8.73 17.79 4.08
N LEU A 11 -7.71 18.29 4.78
CA LEU A 11 -6.69 17.42 5.36
C LEU A 11 -7.29 16.51 6.44
N HIS A 12 -8.11 17.06 7.32
CA HIS A 12 -8.84 16.29 8.34
C HIS A 12 -7.90 15.34 9.10
N LEU A 13 -6.96 15.94 9.82
CA LEU A 13 -6.05 15.14 10.63
C LEU A 13 -6.84 14.49 11.76
N ASP A 14 -6.66 13.17 11.94
CA ASP A 14 -7.09 12.52 13.18
C ASP A 14 -5.86 12.20 14.03
N PRO A 15 -5.54 13.02 15.04
CA PRO A 15 -4.36 12.76 15.88
C PRO A 15 -4.39 11.44 16.63
N THR A 16 -5.55 10.80 16.78
CA THR A 16 -5.63 9.54 17.48
C THR A 16 -5.40 8.33 16.59
N TYR A 17 -5.09 8.54 15.31
CA TYR A 17 -4.91 7.40 14.42
C TYR A 17 -3.80 6.48 14.93
N HIS A 18 -4.07 5.18 14.90
CA HIS A 18 -3.20 4.20 15.54
C HIS A 18 -3.55 2.80 15.08
N ILE A 19 -2.61 2.07 14.49
CA ILE A 19 -2.89 0.68 14.10
C ILE A 19 -2.88 -0.20 15.34
N THR A 20 -3.89 -1.05 15.46
CA THR A 20 -4.04 -1.88 16.64
C THR A 20 -5.01 -3.02 16.33
N ASP A 21 -5.08 -3.98 17.26
CA ASP A 21 -5.92 -5.15 17.06
C ASP A 21 -7.40 -4.74 17.05
N ASP A 22 -7.84 -4.10 18.12
CA ASP A 22 -9.20 -3.58 18.21
C ASP A 22 -9.44 -2.53 17.14
N ARG A 23 -10.06 -2.92 16.02
CA ARG A 23 -10.27 -1.95 14.96
C ARG A 23 -11.34 -0.89 15.27
N THR A 24 -12.05 -0.97 16.41
CA THR A 24 -12.97 0.10 16.84
C THR A 24 -12.23 1.19 17.57
N LYS A 25 -10.92 1.04 17.71
CA LYS A 25 -10.15 1.72 18.74
C LYS A 25 -8.95 2.35 18.03
N VAL A 26 -8.93 2.26 16.69
CA VAL A 26 -7.84 2.72 15.81
C VAL A 26 -7.90 4.23 15.56
N CYS A 27 -9.08 4.77 15.30
CA CYS A 27 -9.27 6.20 15.07
C CYS A 27 -10.57 6.66 15.74
N ALA A 28 -10.49 7.73 16.53
CA ALA A 28 -11.73 8.32 17.03
C ALA A 28 -12.69 8.69 15.91
N SER A 29 -12.19 8.96 14.70
CA SER A 29 -13.07 9.38 13.61
C SER A 29 -13.89 8.23 13.03
N SER A 30 -13.51 6.96 13.26
CA SER A 30 -14.37 5.87 12.79
C SER A 30 -15.61 5.81 13.60
N LYS A 31 -15.68 6.59 14.65
CA LYS A 31 -16.91 6.70 15.36
C LYS A 31 -17.23 5.39 16.10
N GLY A 32 -16.23 4.84 16.81
CA GLY A 32 -16.42 3.59 17.51
C GLY A 32 -16.67 2.37 16.64
N ALA A 33 -16.93 2.56 15.34
CA ALA A 33 -17.06 1.43 14.42
C ALA A 33 -15.68 0.85 14.07
N ASN A 34 -15.67 -0.42 13.70
CA ASN A 34 -14.44 -1.08 13.26
C ASN A 34 -13.94 -0.44 11.96
N ALA A 35 -12.71 0.09 11.96
CA ALA A 35 -12.01 0.31 10.70
C ALA A 35 -12.08 -0.93 9.83
N SER A 36 -12.26 -0.75 8.52
CA SER A 36 -12.52 -1.90 7.66
C SER A 36 -11.24 -2.62 7.26
N ASN A 37 -10.22 -1.87 6.86
CA ASN A 37 -8.98 -2.48 6.36
C ASN A 37 -7.78 -1.57 6.60
N PRO A 38 -7.43 -1.30 7.86
CA PRO A 38 -6.59 -0.12 8.15
C PRO A 38 -5.11 -0.37 7.91
N GLY A 39 -4.45 0.68 7.43
CA GLY A 39 -3.02 0.66 7.21
C GLY A 39 -2.34 1.93 7.70
N PRO A 40 -1.03 2.02 7.51
CA PRO A 40 -0.29 3.19 8.00
C PRO A 40 -0.76 4.50 7.40
N PHE A 41 -1.36 4.44 6.20
CA PHE A 41 -1.87 5.61 5.51
C PHE A 41 -3.37 5.84 5.73
N GLY A 42 -4.06 4.93 6.42
CA GLY A 42 -5.38 5.24 6.92
C GLY A 42 -6.37 4.14 6.64
N ASP A 43 -7.65 4.53 6.63
CA ASP A 43 -8.77 3.63 6.39
C ASP A 43 -9.91 4.45 5.82
N VAL A 44 -10.77 3.82 5.00
CA VAL A 44 -11.91 4.55 4.45
C VAL A 44 -12.90 4.96 5.54
N LEU A 45 -12.87 4.33 6.72
CA LEU A 45 -13.75 4.71 7.81
C LEU A 45 -13.12 5.67 8.81
N CYS A 46 -11.88 6.10 8.55
CA CYS A 46 -11.08 6.97 9.41
C CYS A 46 -10.68 8.24 8.67
N ASP A 47 -10.46 9.30 9.43
CA ASP A 47 -9.77 10.47 8.88
C ASP A 47 -8.25 10.24 8.82
N SER A 48 -7.54 11.27 8.36
CA SER A 48 -6.16 11.12 7.91
C SER A 48 -5.20 10.87 9.06
N PRO A 49 -4.38 9.82 9.00
CA PRO A 49 -3.20 9.77 9.86
C PRO A 49 -2.25 10.89 9.46
N TYR A 50 -1.47 11.37 10.43
CA TYR A 50 -0.43 12.32 10.13
C TYR A 50 0.51 11.80 9.04
N GLN A 51 0.77 10.49 9.03
CA GLN A 51 1.61 9.90 7.98
C GLN A 51 1.05 10.18 6.59
N LEU A 52 -0.27 10.21 6.46
CA LEU A 52 -0.88 10.46 5.15
C LEU A 52 -0.63 11.90 4.72
N ILE A 53 -0.94 12.84 5.62
CA ILE A 53 -0.84 14.26 5.30
C ILE A 53 0.62 14.62 5.03
N LEU A 54 1.52 14.13 5.88
CA LEU A 54 2.94 14.35 5.69
C LEU A 54 3.40 13.79 4.34
N SER A 55 2.95 12.58 3.97
CA SER A 55 3.35 12.05 2.66
C SER A 55 2.81 12.88 1.51
N ALA A 56 1.66 13.52 1.71
CA ALA A 56 1.13 14.43 0.69
C ALA A 56 2.04 15.63 0.51
N PHE A 57 2.44 16.25 1.62
CA PHE A 57 3.26 17.45 1.51
C PHE A 57 4.69 17.13 1.08
N ASP A 58 5.20 15.97 1.49
CA ASP A 58 6.50 15.48 1.04
C ASP A 58 6.51 15.21 -0.46
N PHE A 59 5.40 14.66 -0.99
CA PHE A 59 5.29 14.50 -2.43
C PHE A 59 5.35 15.85 -3.13
N ILE A 60 4.56 16.82 -2.66
CA ILE A 60 4.61 18.14 -3.29
C ILE A 60 6.04 18.66 -3.30
N LYS A 61 6.70 18.61 -2.13
CA LYS A 61 8.05 19.14 -1.97
C LYS A 61 9.05 18.51 -2.92
N ASN A 62 9.03 17.18 -3.07
CA ASN A 62 9.99 16.50 -3.93
C ASN A 62 9.42 16.15 -5.30
N SER A 63 8.35 16.81 -5.74
CA SER A 63 7.66 16.49 -7.00
C SER A 63 8.42 16.94 -8.25
N GLY A 64 9.48 17.73 -8.12
CA GLY A 64 10.10 18.36 -9.27
C GLY A 64 9.22 19.39 -9.97
N GLN A 65 8.08 19.74 -9.40
CA GLN A 65 7.19 20.73 -9.98
C GLN A 65 7.47 22.06 -9.31
N GLU A 66 7.65 23.10 -10.11
CA GLU A 66 7.96 24.42 -9.60
C GLU A 66 6.66 25.20 -9.45
N ALA A 67 6.37 25.68 -8.25
CA ALA A 67 5.13 26.39 -7.98
C ALA A 67 5.44 27.65 -7.21
N SER A 68 4.75 28.73 -7.55
CA SER A 68 5.01 30.01 -6.90
C SER A 68 4.10 30.29 -5.71
N PHE A 69 3.04 29.49 -5.49
CA PHE A 69 2.25 29.65 -4.27
C PHE A 69 1.37 28.42 -4.08
N MET A 70 0.64 28.42 -2.97
CA MET A 70 -0.27 27.31 -2.69
C MET A 70 -1.57 27.84 -2.08
N ILE A 71 -2.70 27.26 -2.47
CA ILE A 71 -3.97 27.54 -1.80
C ILE A 71 -4.38 26.34 -0.96
N TRP A 72 -5.02 26.63 0.16
CA TRP A 72 -5.31 25.58 1.14
C TRP A 72 -6.70 25.81 1.69
N THR A 73 -7.70 25.11 1.14
CA THR A 73 -9.06 25.58 1.44
C THR A 73 -9.72 24.87 2.61
N GLY A 74 -8.99 24.52 3.68
CA GLY A 74 -9.58 24.33 4.99
C GLY A 74 -9.96 22.90 5.38
N ASP A 75 -10.60 22.82 6.55
CA ASP A 75 -11.04 21.58 7.23
C ASP A 75 -9.87 20.72 7.70
N SER A 76 -9.21 21.20 8.75
CA SER A 76 -8.14 20.37 9.28
C SER A 76 -8.54 19.44 10.43
N PRO A 77 -9.46 19.80 11.33
CA PRO A 77 -9.83 18.85 12.41
C PRO A 77 -10.64 17.68 11.89
N PRO A 78 -10.71 16.58 12.63
CA PRO A 78 -11.36 15.37 12.12
C PRO A 78 -12.86 15.35 12.40
N HIS A 79 -13.52 14.36 11.79
CA HIS A 79 -14.94 14.11 11.98
C HIS A 79 -15.09 13.28 13.24
N VAL A 80 -15.19 13.97 14.38
CA VAL A 80 -15.55 13.33 15.64
C VAL A 80 -16.66 14.14 16.28
N PRO A 81 -17.42 13.55 17.21
CA PRO A 81 -18.49 14.31 17.89
C PRO A 81 -17.98 15.62 18.48
N VAL A 82 -18.84 16.64 18.41
CA VAL A 82 -18.56 17.93 19.06
C VAL A 82 -18.00 17.76 20.47
N PRO A 83 -18.61 16.97 21.37
CA PRO A 83 -18.08 16.90 22.74
C PRO A 83 -16.67 16.38 22.84
N GLU A 84 -16.18 15.69 21.80
CA GLU A 84 -14.82 15.17 21.77
C GLU A 84 -13.79 16.20 21.36
N LEU A 85 -14.21 17.40 20.97
CA LEU A 85 -13.31 18.45 20.52
C LEU A 85 -13.47 19.66 21.45
N SER A 86 -12.68 20.70 21.17
CA SER A 86 -12.74 21.95 21.91
C SER A 86 -12.10 23.03 21.04
N THR A 87 -12.27 24.28 21.46
CA THR A 87 -11.57 25.36 20.79
C THR A 87 -10.07 25.14 20.81
N GLY A 88 -9.55 24.77 21.99
CA GLY A 88 -8.13 24.52 22.11
C GLY A 88 -7.64 23.43 21.18
N THR A 89 -8.41 22.34 21.06
CA THR A 89 -7.96 21.24 20.23
C THR A 89 -8.07 21.58 18.74
N VAL A 90 -9.12 22.29 18.35
CA VAL A 90 -9.23 22.73 16.96
C VAL A 90 -8.05 23.64 16.60
N ILE A 91 -7.71 24.58 17.48
CA ILE A 91 -6.58 25.45 17.21
C ILE A 91 -5.29 24.63 17.18
N LYS A 92 -5.17 23.63 18.05
CA LYS A 92 -3.97 22.80 18.04
C LYS A 92 -3.81 22.08 16.70
N VAL A 93 -4.91 21.54 16.15
CA VAL A 93 -4.82 20.82 14.88
C VAL A 93 -4.48 21.79 13.74
N ILE A 94 -5.17 22.94 13.70
CA ILE A 94 -4.89 23.92 12.65
C ILE A 94 -3.44 24.39 12.73
N THR A 95 -2.95 24.59 13.95
CA THR A 95 -1.55 24.97 14.16
C THR A 95 -0.61 23.89 13.64
N ASN A 96 -0.88 22.62 13.96
CA ASN A 96 -0.03 21.53 13.49
C ASN A 96 0.05 21.49 11.98
N MET A 97 -1.10 21.64 11.31
CA MET A 97 -1.10 21.67 9.85
C MET A 97 -0.30 22.85 9.33
N THR A 98 -0.54 24.03 9.91
CA THR A 98 0.15 25.24 9.44
C THR A 98 1.65 25.11 9.63
N MET A 99 2.09 24.62 10.79
CA MET A 99 3.51 24.48 11.02
C MET A 99 4.12 23.41 10.17
N THR A 100 3.38 22.33 9.86
CA THR A 100 3.86 21.34 8.90
C THR A 100 4.17 22.02 7.57
N VAL A 101 3.21 22.82 7.08
CA VAL A 101 3.42 23.50 5.80
C VAL A 101 4.57 24.51 5.90
N GLN A 102 4.60 25.29 6.98
CA GLN A 102 5.62 26.32 7.12
C GLN A 102 7.02 25.72 7.23
N ASN A 103 7.17 24.63 8.00
CA ASN A 103 8.45 23.94 8.10
C ASN A 103 8.86 23.37 6.74
N LEU A 104 7.94 22.67 6.06
CA LEU A 104 8.33 22.03 4.81
C LEU A 104 8.56 23.03 3.69
N PHE A 105 7.83 24.16 3.68
CA PHE A 105 7.83 25.11 2.56
C PHE A 105 8.11 26.52 3.08
N PRO A 106 9.32 26.78 3.56
CA PRO A 106 9.55 28.07 4.24
C PRO A 106 9.50 29.28 3.33
N ASN A 107 9.65 29.14 2.01
CA ASN A 107 9.65 30.28 1.08
C ASN A 107 8.44 30.34 0.16
N LEU A 108 7.40 29.55 0.42
CA LEU A 108 6.21 29.49 -0.42
C LEU A 108 5.06 30.23 0.27
N GLN A 109 4.52 31.24 -0.41
CA GLN A 109 3.34 31.91 0.10
C GLN A 109 2.12 31.00 0.00
N VAL A 110 1.38 30.90 1.09
CA VAL A 110 0.23 30.00 1.19
C VAL A 110 -1.00 30.81 1.56
N PHE A 111 -2.11 30.52 0.87
CA PHE A 111 -3.37 31.23 1.07
C PHE A 111 -4.40 30.28 1.65
N PRO A 112 -4.60 30.27 2.96
CA PRO A 112 -5.60 29.40 3.55
C PRO A 112 -7.00 30.02 3.55
N ALA A 113 -7.99 29.14 3.56
CA ALA A 113 -9.36 29.53 3.85
C ALA A 113 -9.85 28.62 4.96
N LEU A 114 -10.77 29.15 5.79
CA LEU A 114 -11.36 28.36 6.87
C LEU A 114 -12.43 27.44 6.30
N GLY A 115 -12.48 26.22 6.85
CA GLY A 115 -13.52 25.26 6.55
C GLY A 115 -14.47 25.11 7.74
N ASN A 116 -15.57 24.39 7.50
CA ASN A 116 -16.60 24.35 8.53
C ASN A 116 -16.15 23.58 9.76
N HIS A 117 -15.16 22.70 9.64
CA HIS A 117 -14.63 22.05 10.83
C HIS A 117 -13.58 22.87 11.53
N ASP A 118 -13.17 24.01 10.95
CA ASP A 118 -12.10 24.81 11.54
C ASP A 118 -12.70 25.74 12.59
N TYR A 119 -13.41 25.16 13.56
CA TYR A 119 -14.10 25.93 14.58
C TYR A 119 -14.72 24.98 15.58
N TRP A 120 -14.88 25.41 16.83
CA TRP A 120 -15.57 24.59 17.82
C TRP A 120 -16.73 25.37 18.41
N PRO A 121 -17.98 24.87 18.33
CA PRO A 121 -18.38 23.63 17.67
C PRO A 121 -18.29 23.73 16.16
N GLN A 122 -18.14 22.58 15.49
CA GLN A 122 -18.08 22.57 14.04
C GLN A 122 -19.30 23.24 13.46
N ASP A 123 -19.10 23.97 12.35
CA ASP A 123 -20.12 24.61 11.54
C ASP A 123 -20.61 25.94 12.13
N GLN A 124 -20.33 26.27 13.40
CA GLN A 124 -20.84 27.50 14.02
C GLN A 124 -19.90 28.70 13.93
N LEU A 125 -19.40 28.96 12.73
CA LEU A 125 -18.46 30.06 12.55
C LEU A 125 -19.19 31.38 12.72
N PRO A 126 -18.70 32.27 13.56
CA PRO A 126 -19.46 33.44 13.94
C PRO A 126 -19.19 34.62 12.99
N ILE A 127 -20.06 35.64 13.11
CA ILE A 127 -19.98 36.84 12.28
C ILE A 127 -19.22 37.96 12.97
N VAL A 128 -18.62 37.71 14.13
CA VAL A 128 -17.76 38.64 14.84
C VAL A 128 -16.46 37.94 15.20
N THR A 129 -15.54 38.69 15.81
CA THR A 129 -14.23 38.16 16.16
C THR A 129 -14.35 37.03 17.17
N SER A 130 -13.35 36.14 17.15
CA SER A 130 -13.39 34.92 17.96
C SER A 130 -11.98 34.41 18.20
N LYS A 131 -11.85 33.50 19.17
CA LYS A 131 -10.56 32.89 19.46
C LYS A 131 -9.97 32.22 18.23
N VAL A 132 -10.78 31.47 17.48
CA VAL A 132 -10.26 30.76 16.32
C VAL A 132 -9.78 31.73 15.24
N TYR A 133 -10.58 32.77 14.95
CA TYR A 133 -10.17 33.75 13.93
C TYR A 133 -8.87 34.46 14.33
N SER A 134 -8.76 34.88 15.60
CA SER A 134 -7.53 35.53 16.07
C SER A 134 -6.35 34.58 15.99
N ALA A 135 -6.55 33.32 16.40
CA ALA A 135 -5.49 32.32 16.33
C ALA A 135 -5.01 32.12 14.90
N VAL A 136 -5.94 31.97 13.94
CA VAL A 136 -5.46 31.68 12.58
C VAL A 136 -4.85 32.93 11.98
N ALA A 137 -5.33 34.12 12.37
CA ALA A 137 -4.68 35.34 11.93
C ALA A 137 -3.23 35.36 12.39
N ASP A 138 -2.95 34.93 13.63
CA ASP A 138 -1.55 34.86 14.05
C ASP A 138 -0.80 33.77 13.30
N LEU A 139 -1.43 32.61 13.11
CA LEU A 139 -0.77 31.47 12.47
C LEU A 139 -0.35 31.79 11.04
N TRP A 140 -1.17 32.56 10.32
CA TRP A 140 -0.99 32.79 8.90
C TRP A 140 -0.38 34.15 8.60
N LYS A 141 0.07 34.85 9.64
CA LYS A 141 0.81 36.11 9.46
C LYS A 141 1.98 36.03 8.46
N PRO A 142 2.79 34.97 8.40
CA PRO A 142 3.87 34.94 7.39
C PRO A 142 3.40 35.15 5.97
N TRP A 143 2.11 34.95 5.70
CA TRP A 143 1.58 35.00 4.34
C TRP A 143 0.71 36.20 4.06
N LEU A 144 0.26 36.92 5.09
CA LEU A 144 -0.78 37.92 4.97
C LEU A 144 -0.32 39.26 5.46
N GLY A 145 -0.76 40.32 4.79
CA GLY A 145 -0.47 41.67 5.22
C GLY A 145 -1.33 42.09 6.39
N GLU A 146 -1.15 43.35 6.79
CA GLU A 146 -1.86 43.91 7.95
C GLU A 146 -3.37 43.94 7.74
N GLU A 147 -3.80 44.36 6.53
CA GLU A 147 -5.23 44.47 6.29
C GLU A 147 -5.90 43.10 6.21
N ALA A 148 -5.24 42.14 5.57
CA ALA A 148 -5.75 40.78 5.55
C ALA A 148 -5.85 40.21 6.96
N ILE A 149 -4.83 40.45 7.78
CA ILE A 149 -4.88 40.01 9.18
C ILE A 149 -6.09 40.62 9.88
N SER A 150 -6.38 41.90 9.63
CA SER A 150 -7.51 42.53 10.31
C SER A 150 -8.83 41.90 9.92
N THR A 151 -9.06 41.76 8.62
CA THR A 151 -10.34 41.19 8.21
C THR A 151 -10.46 39.73 8.66
N LEU A 152 -9.36 38.98 8.62
CA LEU A 152 -9.40 37.57 9.00
C LEU A 152 -9.79 37.45 10.48
N LYS A 153 -9.11 38.22 11.33
CA LYS A 153 -9.38 38.21 12.76
C LYS A 153 -10.84 38.59 13.03
N LYS A 154 -11.40 39.46 12.21
CA LYS A 154 -12.74 39.97 12.48
C LYS A 154 -13.85 39.07 11.89
N GLY A 155 -13.65 38.53 10.70
CA GLY A 155 -14.69 37.78 10.00
C GLY A 155 -14.27 36.47 9.36
N GLY A 156 -13.00 36.06 9.48
CA GLY A 156 -12.58 34.81 8.87
C GLY A 156 -12.36 34.85 7.37
N PHE A 157 -12.28 36.04 6.77
CA PHE A 157 -11.99 36.17 5.34
C PHE A 157 -10.96 37.26 5.13
N TYR A 158 -10.34 37.25 3.94
CA TYR A 158 -9.34 38.28 3.61
C TYR A 158 -9.10 38.26 2.11
N SER A 159 -8.40 39.29 1.63
CA SER A 159 -7.78 39.28 0.31
C SER A 159 -6.32 39.63 0.47
N GLN A 160 -5.50 39.15 -0.48
CA GLN A 160 -4.06 39.33 -0.36
C GLN A 160 -3.43 39.24 -1.73
N LYS A 161 -2.51 40.16 -2.01
CA LYS A 161 -1.74 40.10 -3.25
C LYS A 161 -0.82 38.89 -3.23
N VAL A 162 -0.56 38.33 -4.42
CA VAL A 162 0.36 37.21 -4.56
C VAL A 162 1.74 37.78 -4.84
N ALA A 163 2.63 37.69 -3.84
CA ALA A 163 3.93 38.37 -3.88
C ALA A 163 4.68 38.03 -5.15
N SER A 164 4.76 36.75 -5.48
CA SER A 164 5.53 36.28 -6.64
C SER A 164 4.81 36.48 -7.98
N ASN A 165 3.63 37.09 -8.00
CA ASN A 165 2.82 37.20 -9.22
C ASN A 165 2.18 38.59 -9.30
N PRO A 166 2.92 39.59 -9.77
CA PRO A 166 2.36 40.95 -9.84
C PRO A 166 1.07 40.99 -10.64
N GLY A 167 0.06 41.64 -10.07
CA GLY A 167 -1.23 41.75 -10.72
C GLY A 167 -2.21 40.63 -10.42
N LEU A 168 -1.87 39.72 -9.52
CA LEU A 168 -2.78 38.68 -9.05
C LEU A 168 -3.13 38.87 -7.59
N ARG A 169 -4.41 38.71 -7.25
CA ARG A 169 -4.87 38.84 -5.87
C ARG A 169 -5.78 37.66 -5.53
N ILE A 170 -5.56 37.04 -4.36
CA ILE A 170 -6.41 35.97 -3.87
C ILE A 170 -7.48 36.57 -2.97
N ILE A 171 -8.75 36.29 -3.25
CA ILE A 171 -9.84 36.55 -2.30
C ILE A 171 -10.24 35.25 -1.63
N SER A 172 -10.04 35.17 -0.32
CA SER A 172 -10.32 34.00 0.48
C SER A 172 -11.60 34.29 1.26
N LEU A 173 -12.68 33.65 0.84
CA LEU A 173 -13.98 33.86 1.45
C LEU A 173 -14.22 32.84 2.55
N ASN A 174 -14.97 33.27 3.56
CA ASN A 174 -15.46 32.41 4.62
C ASN A 174 -16.88 32.01 4.23
N THR A 175 -17.01 30.99 3.37
CA THR A 175 -18.36 30.63 2.92
C THR A 175 -19.10 29.75 3.93
N ASN A 176 -18.45 29.37 5.03
CA ASN A 176 -19.15 28.72 6.15
C ASN A 176 -20.20 29.62 6.79
N LEU A 177 -20.09 30.95 6.62
CA LEU A 177 -21.17 31.85 7.01
C LEU A 177 -22.47 31.59 6.25
N TYR A 178 -22.38 31.02 5.04
CA TYR A 178 -23.56 30.73 4.22
C TYR A 178 -24.00 29.28 4.28
N TYR A 179 -23.27 28.45 5.00
CA TYR A 179 -23.46 27.01 5.02
C TYR A 179 -24.65 26.64 5.87
N GLY A 180 -25.57 25.81 5.32
CA GLY A 180 -26.78 25.41 6.00
C GLY A 180 -26.68 25.13 7.49
N PRO A 181 -25.77 24.23 7.89
CA PRO A 181 -25.65 23.87 9.32
C PRO A 181 -25.21 25.01 10.24
N ASN A 182 -24.85 26.17 9.74
CA ASN A 182 -24.35 27.24 10.61
C ASN A 182 -25.54 27.98 11.23
N ILE A 183 -25.86 27.65 12.48
CA ILE A 183 -27.02 28.31 13.10
C ILE A 183 -26.68 29.68 13.63
N MET A 184 -25.45 30.16 13.43
CA MET A 184 -25.08 31.50 13.84
C MET A 184 -25.51 32.58 12.85
N THR A 185 -25.93 32.23 11.62
CA THR A 185 -26.11 33.24 10.57
C THR A 185 -27.47 33.14 9.87
N LEU A 186 -28.44 32.44 10.46
CA LEU A 186 -29.74 32.32 9.84
C LEU A 186 -30.38 33.69 9.68
N ASN A 187 -30.86 33.99 8.46
CA ASN A 187 -31.67 35.16 8.19
C ASN A 187 -30.90 36.48 8.24
N LYS A 188 -29.56 36.45 8.15
CA LYS A 188 -28.80 37.68 7.99
C LYS A 188 -28.57 37.97 6.51
N THR A 189 -28.77 39.23 6.11
CA THR A 189 -28.67 39.54 4.69
C THR A 189 -27.22 39.67 4.23
N ASP A 190 -26.31 40.07 5.10
CA ASP A 190 -24.89 40.17 4.78
C ASP A 190 -24.07 39.79 6.01
N PRO A 191 -24.02 38.50 6.34
CA PRO A 191 -23.26 38.07 7.51
C PRO A 191 -21.81 38.54 7.47
N ALA A 192 -21.38 39.15 8.57
CA ALA A 192 -20.03 39.72 8.76
C ALA A 192 -19.66 40.74 7.68
N ASN A 193 -20.65 41.31 6.98
CA ASN A 193 -20.46 42.28 5.89
C ASN A 193 -19.60 41.75 4.77
N GLN A 194 -19.52 40.42 4.64
CA GLN A 194 -18.61 39.86 3.63
C GLN A 194 -19.01 40.27 2.21
N PHE A 195 -20.32 40.31 1.92
CA PHE A 195 -20.74 40.71 0.58
C PHE A 195 -20.28 42.12 0.25
N GLU A 196 -20.53 43.07 1.18
CA GLU A 196 -20.13 44.44 0.87
C GLU A 196 -18.63 44.48 0.71
N TRP A 197 -17.95 43.72 1.55
CA TRP A 197 -16.50 43.69 1.50
C TRP A 197 -16.06 43.15 0.17
N LEU A 198 -16.69 42.04 -0.26
CA LEU A 198 -16.31 41.42 -1.52
C LEU A 198 -16.45 42.41 -2.66
N GLU A 199 -17.59 43.11 -2.71
CA GLU A 199 -17.81 43.99 -3.85
C GLU A 199 -16.76 45.11 -3.84
N ASN A 200 -16.48 45.64 -2.66
CA ASN A 200 -15.45 46.68 -2.55
C ASN A 200 -14.12 46.17 -3.07
N THR A 201 -13.75 44.95 -2.66
CA THR A 201 -12.46 44.39 -3.05
C THR A 201 -12.41 44.17 -4.55
N LEU A 202 -13.48 43.63 -5.12
CA LEU A 202 -13.45 43.42 -6.56
C LEU A 202 -13.38 44.76 -7.26
N ASN A 203 -14.12 45.74 -6.74
CA ASN A 203 -14.07 47.04 -7.38
C ASN A 203 -12.63 47.57 -7.38
N SER A 204 -11.92 47.44 -6.24
CA SER A 204 -10.55 47.95 -6.19
C SER A 204 -9.66 47.16 -7.13
N SER A 205 -9.84 45.84 -7.21
CA SER A 205 -9.02 45.08 -8.13
C SER A 205 -9.23 45.54 -9.56
N LEU A 206 -10.48 45.88 -9.91
CA LEU A 206 -10.75 46.36 -11.26
C LEU A 206 -9.90 47.58 -11.55
N TRP A 207 -9.83 48.51 -10.59
CA TRP A 207 -9.20 49.78 -10.89
C TRP A 207 -7.69 49.71 -10.75
N ASN A 208 -7.17 48.74 -9.99
CA ASN A 208 -5.74 48.50 -9.95
C ASN A 208 -5.29 47.49 -11.00
N LYS A 209 -6.12 47.21 -12.00
CA LYS A 209 -5.77 46.30 -13.09
C LYS A 209 -5.28 44.94 -12.58
N GLU A 210 -5.93 44.41 -11.55
CA GLU A 210 -5.60 43.13 -10.95
C GLU A 210 -6.50 42.01 -11.47
N LYS A 211 -5.98 40.79 -11.53
CA LYS A 211 -6.79 39.58 -11.70
C LYS A 211 -7.00 38.92 -10.33
N VAL A 212 -8.07 38.14 -10.21
CA VAL A 212 -8.51 37.65 -8.91
C VAL A 212 -8.75 36.15 -9.01
N TYR A 213 -8.21 35.40 -8.07
CA TYR A 213 -8.62 34.01 -7.87
C TYR A 213 -9.44 33.93 -6.59
N ILE A 214 -10.68 33.46 -6.70
CA ILE A 214 -11.54 33.26 -5.54
C ILE A 214 -11.21 31.92 -4.91
N ILE A 215 -11.00 31.89 -3.59
CA ILE A 215 -10.92 30.60 -2.91
C ILE A 215 -11.91 30.59 -1.76
N ALA A 216 -12.46 29.42 -1.48
CA ALA A 216 -13.25 29.22 -0.26
C ALA A 216 -13.38 27.73 -0.02
N HIS A 217 -13.95 27.41 1.13
CA HIS A 217 -14.15 26.00 1.46
C HIS A 217 -15.41 25.49 0.77
N VAL A 218 -16.59 25.84 1.29
CA VAL A 218 -17.84 25.37 0.66
C VAL A 218 -18.03 26.10 -0.65
N PRO A 219 -18.37 25.41 -1.73
CA PRO A 219 -18.51 26.05 -3.05
C PRO A 219 -19.88 26.67 -3.28
N VAL A 220 -19.99 27.38 -4.38
CA VAL A 220 -21.25 27.86 -4.92
C VAL A 220 -21.87 26.71 -5.70
N GLY A 221 -23.10 26.93 -6.18
CA GLY A 221 -23.75 25.95 -7.06
C GLY A 221 -24.37 24.81 -6.29
N TYR A 222 -24.71 23.76 -7.03
CA TYR A 222 -25.55 22.70 -6.49
C TYR A 222 -24.74 21.43 -6.25
N LEU A 223 -25.10 20.71 -5.19
CA LEU A 223 -24.44 19.45 -4.92
C LEU A 223 -24.78 18.48 -6.04
N PRO A 224 -23.78 17.96 -6.77
CA PRO A 224 -24.07 17.24 -8.02
C PRO A 224 -24.68 15.84 -7.83
N TYR A 225 -24.61 15.25 -6.65
CA TYR A 225 -25.17 13.94 -6.37
C TYR A 225 -26.60 14.02 -5.85
N ALA A 226 -27.08 15.23 -5.52
CA ALA A 226 -28.38 15.44 -4.91
C ALA A 226 -29.28 16.26 -5.84
N THR A 227 -30.57 16.27 -5.50
CA THR A 227 -31.57 16.98 -6.27
C THR A 227 -31.84 18.30 -5.56
N ASP A 228 -31.64 19.41 -6.26
CA ASP A 228 -32.05 20.73 -5.76
C ASP A 228 -31.49 21.00 -4.36
N THR A 229 -30.19 20.77 -4.21
CA THR A 229 -29.53 20.97 -2.92
C THR A 229 -28.32 21.85 -3.17
N PRO A 230 -28.45 23.17 -3.00
CA PRO A 230 -27.27 24.03 -3.10
C PRO A 230 -26.31 23.76 -1.96
N ALA A 231 -25.02 23.93 -2.26
CA ALA A 231 -23.98 23.70 -1.25
C ALA A 231 -24.12 24.68 -0.09
N ILE A 232 -24.42 25.94 -0.40
CA ILE A 232 -24.76 26.94 0.60
C ILE A 232 -26.23 27.33 0.39
N ARG A 233 -26.78 28.04 1.36
CA ARG A 233 -28.20 28.39 1.28
C ARG A 233 -28.50 29.16 0.00
N GLN A 234 -29.66 28.85 -0.60
CA GLN A 234 -30.04 29.44 -1.88
C GLN A 234 -29.87 30.96 -1.90
N TYR A 235 -30.32 31.64 -0.83
CA TYR A 235 -30.26 33.11 -0.80
C TYR A 235 -28.83 33.60 -0.96
N TYR A 236 -27.91 32.98 -0.25
CA TYR A 236 -26.51 33.38 -0.33
C TYR A 236 -25.89 32.95 -1.64
N ASN A 237 -26.25 31.75 -2.12
CA ASN A 237 -25.74 31.30 -3.43
C ASN A 237 -26.12 32.28 -4.53
N GLU A 238 -27.39 32.71 -4.55
CA GLU A 238 -27.85 33.65 -5.58
C GLU A 238 -27.09 34.97 -5.48
N LYS A 239 -26.87 35.49 -4.26
CA LYS A 239 -26.23 36.79 -4.10
C LYS A 239 -24.75 36.75 -4.45
N LEU A 240 -24.07 35.68 -4.01
CA LEU A 240 -22.67 35.49 -4.37
C LEU A 240 -22.51 35.31 -5.87
N LEU A 241 -23.38 34.52 -6.50
CA LEU A 241 -23.26 34.30 -7.93
C LEU A 241 -23.53 35.58 -8.69
N ASP A 242 -24.42 36.44 -8.17
CA ASP A 242 -24.62 37.74 -8.81
C ASP A 242 -23.32 38.53 -8.84
N ILE A 243 -22.66 38.60 -7.68
CA ILE A 243 -21.37 39.29 -7.59
C ILE A 243 -20.37 38.67 -8.56
N PHE A 244 -20.28 37.33 -8.57
CA PHE A 244 -19.28 36.68 -9.41
C PHE A 244 -19.57 36.94 -10.89
N ARG A 245 -20.85 36.95 -11.29
CA ARG A 245 -21.18 37.14 -12.71
C ARG A 245 -20.85 38.56 -13.14
N ARG A 246 -21.16 39.54 -12.30
CA ARG A 246 -20.84 40.91 -12.67
C ARG A 246 -19.33 41.12 -12.76
N TYR A 247 -18.55 40.49 -11.89
CA TYR A 247 -17.10 40.66 -11.91
C TYR A 247 -16.39 39.52 -12.63
N SER A 248 -17.10 38.81 -13.51
CA SER A 248 -16.51 37.63 -14.15
C SER A 248 -15.33 37.97 -15.03
N SER A 249 -15.15 39.22 -15.45
CA SER A 249 -13.97 39.50 -16.24
C SER A 249 -12.76 39.85 -15.38
N VAL A 250 -12.97 40.11 -14.09
CA VAL A 250 -11.85 40.31 -13.17
C VAL A 250 -11.43 38.99 -12.52
N ILE A 251 -12.37 38.09 -12.28
CA ILE A 251 -12.12 36.82 -11.64
C ILE A 251 -11.66 35.83 -12.71
N ALA A 252 -10.43 35.34 -12.59
CA ALA A 252 -9.88 34.36 -13.52
C ALA A 252 -10.00 32.92 -13.03
N GLY A 253 -10.61 32.68 -11.87
CA GLY A 253 -10.75 31.30 -11.42
C GLY A 253 -11.41 31.19 -10.07
N GLN A 254 -12.15 30.10 -9.82
CA GLN A 254 -12.71 29.89 -8.49
C GLN A 254 -12.28 28.51 -8.03
N PHE A 255 -11.94 28.38 -6.75
CA PHE A 255 -11.36 27.14 -6.26
C PHE A 255 -11.96 26.80 -4.91
N TYR A 256 -12.54 25.61 -4.80
CA TYR A 256 -13.26 25.21 -3.60
C TYR A 256 -12.87 23.81 -3.17
N GLY A 257 -13.27 23.46 -1.97
CA GLY A 257 -13.13 22.08 -1.49
C GLY A 257 -14.44 21.64 -0.88
N HIS A 258 -14.38 21.10 0.33
CA HIS A 258 -15.55 20.73 1.13
C HIS A 258 -16.27 19.48 0.62
N THR A 259 -16.48 19.34 -0.67
CA THR A 259 -17.25 18.17 -1.10
C THR A 259 -16.46 16.88 -1.06
N HIS A 260 -15.12 16.96 -0.91
CA HIS A 260 -14.20 15.83 -0.97
C HIS A 260 -14.25 15.09 -2.30
N ARG A 261 -14.66 15.77 -3.37
CA ARG A 261 -14.77 15.14 -4.68
C ARG A 261 -14.14 16.06 -5.71
N ASP A 262 -13.91 15.50 -6.87
CA ASP A 262 -13.29 16.20 -7.99
C ASP A 262 -14.41 16.61 -8.92
N SER A 263 -14.81 17.88 -8.87
CA SER A 263 -15.93 18.35 -9.67
C SER A 263 -15.55 19.60 -10.43
N LEU A 264 -16.16 19.75 -11.59
CA LEU A 264 -16.07 20.95 -12.40
C LEU A 264 -17.39 21.71 -12.26
N MET A 265 -17.32 23.03 -12.42
CA MET A 265 -18.52 23.83 -12.62
C MET A 265 -18.19 24.95 -13.59
N VAL A 266 -19.20 25.38 -14.33
CA VAL A 266 -19.05 26.49 -15.27
C VAL A 266 -20.12 27.51 -14.92
N LEU A 267 -19.70 28.63 -14.31
CA LEU A 267 -20.62 29.72 -14.00
C LEU A 267 -21.11 30.37 -15.28
N SER A 268 -22.42 30.42 -15.47
CA SER A 268 -22.97 30.90 -16.73
C SER A 268 -24.00 31.99 -16.46
N ASP A 269 -24.32 32.77 -17.47
CA ASP A 269 -25.37 33.76 -17.29
C ASP A 269 -26.71 33.07 -17.51
N LYS A 270 -27.80 33.83 -17.41
CA LYS A 270 -29.13 33.27 -17.58
C LYS A 270 -29.39 32.85 -19.01
N ASN A 271 -28.46 33.14 -19.91
CA ASN A 271 -28.61 32.92 -21.34
C ASN A 271 -27.69 31.85 -21.90
N GLY A 272 -26.77 31.31 -21.09
CA GLY A 272 -25.82 30.36 -21.61
C GLY A 272 -24.60 31.00 -22.24
N ASN A 273 -24.13 32.09 -21.66
CA ASN A 273 -22.78 32.54 -21.94
C ASN A 273 -21.91 32.08 -20.76
N PRO A 274 -21.00 31.13 -20.95
CA PRO A 274 -20.08 30.77 -19.86
C PRO A 274 -19.16 31.93 -19.50
N LEU A 275 -18.96 32.14 -18.20
CA LEU A 275 -18.33 33.33 -17.66
C LEU A 275 -17.12 33.07 -16.77
N ASN A 276 -17.18 32.08 -15.87
CA ASN A 276 -16.00 31.61 -15.15
C ASN A 276 -16.00 30.11 -14.97
N SER A 277 -14.78 29.62 -14.77
CA SER A 277 -14.52 28.23 -14.50
C SER A 277 -14.30 28.01 -13.00
N VAL A 278 -14.94 26.97 -12.49
CA VAL A 278 -14.97 26.68 -11.06
C VAL A 278 -14.41 25.28 -10.87
N PHE A 279 -13.52 25.11 -9.88
CA PHE A 279 -12.81 23.86 -9.66
C PHE A 279 -12.97 23.41 -8.21
N VAL A 280 -13.66 22.29 -8.02
CA VAL A 280 -13.80 21.68 -6.71
C VAL A 280 -12.75 20.56 -6.58
N ALA A 281 -11.89 20.67 -5.58
CA ALA A 281 -10.81 19.69 -5.40
C ALA A 281 -11.17 18.61 -4.39
N PRO A 282 -10.72 17.37 -4.62
CA PRO A 282 -10.99 16.28 -3.67
C PRO A 282 -10.08 16.37 -2.45
N ALA A 283 -10.48 15.64 -1.41
CA ALA A 283 -9.85 15.71 -0.10
C ALA A 283 -8.56 14.89 -0.05
N VAL A 284 -7.71 15.22 0.92
CA VAL A 284 -6.66 14.27 1.31
C VAL A 284 -7.25 13.14 2.15
N THR A 285 -8.17 13.46 3.05
CA THR A 285 -8.79 12.39 3.85
C THR A 285 -9.67 11.52 2.95
N PRO A 286 -9.69 10.20 3.16
CA PRO A 286 -10.56 9.32 2.38
C PRO A 286 -11.85 8.98 3.13
N VAL A 287 -12.10 9.65 4.25
CA VAL A 287 -13.10 9.17 5.19
C VAL A 287 -14.48 9.04 4.55
N LYS A 288 -15.22 8.03 4.99
CA LYS A 288 -16.60 7.86 4.56
C LYS A 288 -17.40 7.27 5.71
N GLY A 289 -18.70 7.44 5.64
CA GLY A 289 -19.57 6.74 6.54
C GLY A 289 -19.67 5.26 6.22
N VAL A 290 -20.21 4.51 7.20
CA VAL A 290 -20.52 3.09 7.03
C VAL A 290 -21.44 2.86 5.83
N LEU A 291 -22.47 3.68 5.64
CA LEU A 291 -23.39 3.34 4.55
C LEU A 291 -22.83 3.67 3.18
N GLN A 292 -22.14 4.82 3.02
CA GLN A 292 -21.71 5.24 1.69
C GLN A 292 -21.04 4.12 0.92
N LYS A 293 -21.45 3.98 -0.32
CA LYS A 293 -20.86 3.00 -1.23
C LYS A 293 -19.49 3.45 -1.70
N GLU A 294 -19.31 4.74 -1.94
CA GLU A 294 -18.03 5.23 -2.46
C GLU A 294 -17.39 6.21 -1.51
N THR A 295 -16.12 6.49 -1.77
CA THR A 295 -15.37 7.61 -1.19
C THR A 295 -14.28 7.95 -2.19
N ASN A 296 -13.53 9.02 -1.90
CA ASN A 296 -12.40 9.42 -2.74
C ASN A 296 -11.12 8.74 -2.27
N ASN A 297 -10.22 8.48 -3.21
CA ASN A 297 -8.80 8.35 -2.88
C ASN A 297 -8.25 9.72 -2.49
N PRO A 298 -7.24 9.77 -1.61
CA PRO A 298 -6.62 11.07 -1.28
C PRO A 298 -6.10 11.74 -2.54
N GLY A 299 -6.15 13.06 -2.54
CA GLY A 299 -5.82 13.84 -3.73
C GLY A 299 -5.14 15.15 -3.37
N VAL A 300 -4.25 15.60 -4.27
CA VAL A 300 -3.71 16.96 -4.27
C VAL A 300 -3.64 17.36 -5.74
N ARG A 301 -3.65 18.67 -6.00
CA ARG A 301 -3.70 19.04 -7.41
C ARG A 301 -2.88 20.29 -7.67
N LEU A 302 -2.57 20.50 -8.95
CA LEU A 302 -1.69 21.57 -9.39
C LEU A 302 -2.34 22.28 -10.57
N PHE A 303 -2.28 23.60 -10.58
CA PHE A 303 -2.83 24.39 -11.68
C PHE A 303 -1.70 25.10 -12.38
N GLN A 304 -1.81 25.16 -13.71
CA GLN A 304 -0.93 25.93 -14.57
C GLN A 304 -1.70 27.08 -15.19
N TYR A 305 -1.07 28.26 -15.21
CA TYR A 305 -1.69 29.48 -15.70
C TYR A 305 -0.69 30.27 -16.53
N LYS A 306 -1.23 31.19 -17.31
CA LYS A 306 -0.39 31.99 -18.21
C LYS A 306 0.33 33.08 -17.41
N PRO A 307 1.65 33.16 -17.51
CA PRO A 307 2.41 34.13 -16.71
C PRO A 307 1.94 35.56 -16.93
N GLY A 308 1.86 36.32 -15.83
CA GLY A 308 1.48 37.72 -15.90
C GLY A 308 0.11 37.99 -16.47
N ASP A 309 -0.72 36.95 -16.57
CA ASP A 309 -2.02 37.04 -17.22
C ASP A 309 -3.05 36.26 -16.39
N TYR A 310 -2.67 35.07 -15.93
CA TYR A 310 -3.41 34.27 -14.94
C TYR A 310 -4.63 33.55 -15.54
N THR A 311 -4.80 33.59 -16.86
CA THR A 311 -5.66 32.64 -17.57
C THR A 311 -5.23 31.20 -17.26
N LEU A 312 -6.16 30.37 -16.82
CA LEU A 312 -5.85 29.00 -16.42
C LEU A 312 -5.62 28.16 -17.66
N LEU A 313 -4.42 27.57 -17.76
CA LEU A 313 -4.10 26.72 -18.92
C LEU A 313 -4.33 25.24 -18.65
N ASP A 314 -4.07 24.76 -17.43
CA ASP A 314 -4.20 23.33 -17.20
C ASP A 314 -4.33 23.02 -15.71
N MET A 315 -4.67 21.78 -15.42
CA MET A 315 -4.77 21.20 -14.10
C MET A 315 -4.23 19.78 -14.08
N VAL A 316 -3.44 19.46 -13.07
CA VAL A 316 -2.90 18.12 -12.89
C VAL A 316 -3.43 17.56 -11.58
N GLN A 317 -4.19 16.49 -11.66
CA GLN A 317 -4.71 15.85 -10.46
C GLN A 317 -3.82 14.65 -10.12
N TYR A 318 -3.23 14.70 -8.92
CA TYR A 318 -2.46 13.62 -8.32
C TYR A 318 -3.28 12.95 -7.22
N TYR A 319 -2.97 11.68 -6.98
CA TYR A 319 -3.76 10.93 -6.03
C TYR A 319 -2.88 9.88 -5.38
N LEU A 320 -3.39 9.31 -4.29
CA LEU A 320 -2.77 8.18 -3.63
C LEU A 320 -3.76 7.02 -3.61
N ASN A 321 -3.36 5.88 -4.18
CA ASN A 321 -4.15 4.64 -4.08
C ASN A 321 -4.07 4.16 -2.64
N LEU A 322 -5.13 4.40 -1.85
CA LEU A 322 -5.05 4.11 -0.43
C LEU A 322 -4.86 2.60 -0.17
N THR A 323 -5.66 1.75 -0.85
CA THR A 323 -5.56 0.32 -0.58
C THR A 323 -4.15 -0.20 -0.89
N GLU A 324 -3.58 0.23 -2.01
CA GLU A 324 -2.24 -0.25 -2.36
C GLU A 324 -1.18 0.32 -1.45
N ALA A 325 -1.29 1.60 -1.06
CA ALA A 325 -0.28 2.17 -0.18
C ALA A 325 -0.29 1.50 1.18
N ASN A 326 -1.49 1.12 1.65
CA ASN A 326 -1.57 0.33 2.89
C ASN A 326 -1.06 -1.09 2.67
N LEU A 327 -1.24 -1.62 1.45
CA LEU A 327 -0.78 -2.97 1.16
C LEU A 327 0.74 -3.06 1.28
N LYS A 328 1.47 -2.11 0.69
CA LYS A 328 2.93 -2.19 0.68
C LYS A 328 3.60 -1.33 1.73
N GLY A 329 2.90 -0.36 2.32
CA GLY A 329 3.50 0.49 3.34
C GLY A 329 4.30 1.64 2.79
N GLU A 330 4.07 2.02 1.53
CA GLU A 330 4.74 3.15 0.89
C GLU A 330 3.75 3.96 0.06
N SER A 331 3.80 5.29 0.20
CA SER A 331 2.88 6.19 -0.49
C SER A 331 3.40 6.47 -1.87
N ASN A 332 2.74 5.92 -2.87
CA ASN A 332 3.07 6.17 -4.27
C ASN A 332 2.18 7.27 -4.87
N TRP A 333 2.36 8.50 -4.37
CA TRP A 333 1.61 9.63 -4.92
C TRP A 333 1.94 9.79 -6.40
N THR A 334 0.91 9.81 -7.23
CA THR A 334 1.18 9.69 -8.65
C THR A 334 0.17 10.49 -9.46
N LEU A 335 0.53 10.75 -10.72
CA LEU A 335 -0.37 11.42 -11.65
C LEU A 335 -1.67 10.66 -11.80
N GLU A 336 -2.78 11.33 -11.49
CA GLU A 336 -4.03 10.71 -11.91
C GLU A 336 -4.39 11.14 -13.32
N TYR A 337 -4.38 12.43 -13.60
CA TYR A 337 -4.65 12.87 -14.97
C TYR A 337 -4.26 14.33 -15.14
N VAL A 338 -3.97 14.70 -16.39
CA VAL A 338 -3.85 16.08 -16.82
C VAL A 338 -5.15 16.44 -17.53
N LEU A 339 -5.78 17.54 -17.11
CA LEU A 339 -7.14 17.83 -17.58
C LEU A 339 -7.19 17.96 -19.11
N THR A 340 -6.26 18.73 -19.69
CA THR A 340 -6.30 18.91 -21.14
C THR A 340 -6.15 17.58 -21.85
N GLN A 341 -5.18 16.77 -21.41
CA GLN A 341 -4.98 15.48 -22.07
C GLN A 341 -6.19 14.58 -21.86
N ALA A 342 -6.72 14.56 -20.64
CA ALA A 342 -7.78 13.62 -20.29
C ALA A 342 -9.08 13.91 -21.05
N TYR A 343 -9.40 15.18 -21.29
CA TYR A 343 -10.64 15.53 -21.95
C TYR A 343 -10.44 16.13 -23.34
N SER A 344 -9.20 16.20 -23.83
CA SER A 344 -8.88 16.69 -25.17
C SER A 344 -9.38 18.13 -25.37
N VAL A 345 -9.11 19.00 -24.39
CA VAL A 345 -9.50 20.40 -24.48
C VAL A 345 -8.23 21.25 -24.47
N ALA A 346 -8.35 22.46 -25.03
CA ALA A 346 -7.22 23.34 -25.23
C ALA A 346 -6.73 24.00 -23.95
N ASP A 347 -7.63 24.33 -23.03
CA ASP A 347 -7.25 25.05 -21.81
C ASP A 347 -8.43 24.97 -20.86
N LEU A 348 -8.41 25.78 -19.80
CA LEU A 348 -9.45 25.74 -18.78
C LEU A 348 -10.38 26.95 -18.86
N GLN A 349 -10.40 27.66 -19.98
CA GLN A 349 -11.23 28.85 -20.08
C GLN A 349 -12.70 28.41 -20.05
N PRO A 350 -13.60 29.27 -19.55
CA PRO A 350 -15.00 28.85 -19.38
C PRO A 350 -15.54 28.21 -20.63
N LYS A 351 -15.08 28.73 -21.78
CA LYS A 351 -15.55 28.23 -23.09
C LYS A 351 -15.08 26.79 -23.36
N SER A 352 -13.80 26.50 -23.11
CA SER A 352 -13.34 25.14 -23.33
C SER A 352 -14.13 24.16 -22.48
N LEU A 353 -14.36 24.51 -21.22
CA LEU A 353 -15.07 23.62 -20.31
C LEU A 353 -16.54 23.51 -20.69
N TYR A 354 -17.13 24.60 -21.15
CA TYR A 354 -18.50 24.58 -21.62
C TYR A 354 -18.66 23.60 -22.76
N ALA A 355 -17.76 23.67 -23.75
CA ALA A 355 -17.87 22.75 -24.88
C ALA A 355 -17.67 21.30 -24.42
N LEU A 356 -16.74 21.09 -23.47
CA LEU A 356 -16.51 19.74 -22.95
C LEU A 356 -17.75 19.19 -22.25
N VAL A 357 -18.46 20.04 -21.47
CA VAL A 357 -19.66 19.53 -20.80
C VAL A 357 -20.79 19.32 -21.80
N GLN A 358 -20.84 20.08 -22.89
CA GLN A 358 -21.77 19.72 -23.97
C GLN A 358 -21.49 18.30 -24.43
N GLN A 359 -20.21 17.95 -24.57
CA GLN A 359 -19.89 16.55 -24.91
C GLN A 359 -20.38 15.60 -23.83
N PHE A 360 -20.19 15.98 -22.55
CA PHE A 360 -20.68 15.16 -21.44
C PHE A 360 -22.15 14.82 -21.62
N ALA A 361 -22.94 15.79 -22.06
CA ALA A 361 -24.39 15.62 -22.11
C ALA A 361 -24.76 14.46 -23.03
N THR A 362 -23.97 14.28 -24.08
CA THR A 362 -24.34 13.32 -25.10
C THR A 362 -24.43 11.89 -24.55
N LYS A 363 -25.12 11.07 -25.32
CA LYS A 363 -25.55 9.75 -24.96
C LYS A 363 -24.39 8.80 -24.89
N ASP A 364 -24.26 8.11 -23.75
CA ASP A 364 -23.11 7.26 -23.48
C ASP A 364 -21.77 7.96 -23.74
N SER A 365 -21.72 9.26 -23.48
CA SER A 365 -20.45 9.99 -23.51
C SER A 365 -19.37 9.26 -22.75
N LYS A 366 -18.25 8.98 -23.42
CA LYS A 366 -17.12 8.42 -22.70
C LYS A 366 -16.40 9.49 -21.89
N GLN A 367 -16.45 10.73 -22.35
CA GLN A 367 -16.02 11.87 -21.54
C GLN A 367 -16.68 11.85 -20.16
N PHE A 368 -18.01 11.66 -20.13
CA PHE A 368 -18.66 11.64 -18.82
C PHE A 368 -18.29 10.41 -18.01
N LEU A 369 -18.06 9.25 -18.65
CA LEU A 369 -17.61 8.10 -17.86
C LEU A 369 -16.26 8.36 -17.23
N LYS A 370 -15.34 8.96 -17.99
CA LYS A 370 -14.04 9.29 -17.42
C LYS A 370 -14.23 10.26 -16.26
N TYR A 371 -15.03 11.31 -16.47
CA TYR A 371 -15.32 12.30 -15.45
C TYR A 371 -15.89 11.65 -14.20
N TYR A 372 -16.84 10.73 -14.36
CA TYR A 372 -17.43 10.09 -13.19
C TYR A 372 -16.41 9.23 -12.47
N HIS A 373 -15.49 8.60 -13.22
CA HIS A 373 -14.47 7.82 -12.56
C HIS A 373 -13.52 8.73 -11.77
N TYR A 374 -13.23 9.92 -12.31
CA TYR A 374 -12.36 10.88 -11.65
C TYR A 374 -13.03 11.60 -10.49
N TYR A 375 -14.37 11.65 -10.51
CA TYR A 375 -15.14 12.27 -9.43
C TYR A 375 -14.73 11.68 -8.09
N PHE A 376 -14.52 10.37 -8.05
CA PHE A 376 -14.12 9.69 -6.83
C PHE A 376 -12.62 9.50 -6.73
N VAL A 377 -11.85 10.20 -7.56
CA VAL A 377 -10.39 10.11 -7.59
C VAL A 377 -9.99 8.65 -7.83
N SER A 378 -10.67 8.01 -8.80
CA SER A 378 -10.38 6.65 -9.26
C SER A 378 -10.52 5.60 -8.16
N TYR A 379 -11.34 5.87 -7.15
CA TYR A 379 -11.51 4.92 -6.07
C TYR A 379 -12.12 3.62 -6.54
N ASP A 380 -12.89 3.65 -7.63
CA ASP A 380 -13.68 2.49 -8.07
C ASP A 380 -14.14 2.71 -9.52
N SER A 381 -13.51 2.03 -10.48
CA SER A 381 -14.05 2.10 -11.84
C SER A 381 -15.31 1.27 -11.99
N SER A 382 -15.65 0.42 -11.03
CA SER A 382 -16.92 -0.26 -11.17
C SER A 382 -18.08 0.64 -10.77
N ALA A 383 -17.82 1.87 -10.32
CA ALA A 383 -18.90 2.78 -10.00
C ALA A 383 -19.64 3.21 -11.25
N THR A 384 -20.97 3.23 -11.16
CA THR A 384 -21.81 3.58 -12.29
C THR A 384 -22.72 4.74 -11.94
N CYS A 385 -23.12 5.46 -12.98
CA CYS A 385 -23.96 6.65 -12.87
C CYS A 385 -25.06 6.48 -13.92
N ASP A 386 -26.24 6.06 -13.47
CA ASP A 386 -27.36 5.86 -14.39
C ASP A 386 -27.81 7.22 -14.90
N GLN A 387 -28.96 7.25 -15.59
CA GLN A 387 -29.28 8.49 -16.27
C GLN A 387 -29.85 9.53 -15.30
N HIS A 388 -30.47 9.11 -14.21
CA HIS A 388 -30.89 10.08 -13.21
C HIS A 388 -29.66 10.72 -12.54
N CYS A 389 -28.75 9.87 -12.07
CA CYS A 389 -27.44 10.31 -11.61
C CYS A 389 -26.77 11.26 -12.59
N LYS A 390 -26.78 10.90 -13.88
CA LYS A 390 -26.04 11.68 -14.85
C LYS A 390 -26.69 13.04 -15.08
N THR A 391 -28.02 13.08 -15.06
CA THR A 391 -28.70 14.36 -15.21
C THR A 391 -28.41 15.28 -14.03
N LEU A 392 -28.51 14.74 -12.81
CA LEU A 392 -28.18 15.54 -11.64
C LEU A 392 -26.75 16.10 -11.75
N GLN A 393 -25.80 15.26 -12.18
CA GLN A 393 -24.41 15.70 -12.30
C GLN A 393 -24.26 16.81 -13.33
N VAL A 394 -24.72 16.58 -14.56
CA VAL A 394 -24.52 17.53 -15.64
C VAL A 394 -25.21 18.85 -15.33
N CYS A 395 -26.43 18.78 -14.78
CA CYS A 395 -27.15 20.02 -14.51
C CYS A 395 -26.45 20.83 -13.44
N ALA A 396 -25.87 20.16 -12.43
CA ALA A 396 -25.13 20.88 -11.41
C ALA A 396 -23.81 21.43 -11.96
N ILE A 397 -23.21 20.75 -12.93
CA ILE A 397 -21.97 21.26 -13.50
C ILE A 397 -22.22 22.57 -14.23
N MET A 398 -23.35 22.67 -14.97
CA MET A 398 -23.54 23.84 -15.85
C MET A 398 -24.37 24.97 -15.26
N ASN A 399 -25.25 24.69 -14.32
CA ASN A 399 -26.26 25.65 -13.89
C ASN A 399 -26.07 25.87 -12.41
N LEU A 400 -25.52 27.02 -12.06
CA LEU A 400 -25.14 27.26 -10.67
C LEU A 400 -26.25 27.94 -9.90
N ASP A 401 -27.11 28.69 -10.60
CA ASP A 401 -28.20 29.41 -9.97
C ASP A 401 -29.47 28.58 -10.02
N SER A 402 -30.37 28.84 -9.07
CA SER A 402 -31.57 28.02 -8.89
C SER A 402 -32.41 27.95 -10.14
N MET A 403 -32.46 29.00 -10.93
CA MET A 403 -33.42 28.92 -12.00
C MET A 403 -32.89 28.17 -13.21
N SER A 404 -31.65 28.44 -13.61
CA SER A 404 -30.99 27.60 -14.58
C SER A 404 -31.05 26.14 -14.16
N TYR A 405 -30.80 25.87 -12.88
CA TYR A 405 -30.78 24.49 -12.41
C TYR A 405 -32.16 23.85 -12.51
N ASP A 406 -33.20 24.55 -12.06
CA ASP A 406 -34.55 24.01 -12.17
C ASP A 406 -34.94 23.80 -13.63
N ASP A 407 -34.59 24.73 -14.50
CA ASP A 407 -34.89 24.57 -15.92
C ASP A 407 -34.21 23.33 -16.49
N CYS A 408 -32.95 23.11 -16.13
CA CYS A 408 -32.21 21.94 -16.59
C CYS A 408 -32.87 20.65 -16.12
N LEU A 409 -33.25 20.57 -14.83
CA LEU A 409 -33.88 19.35 -14.34
C LEU A 409 -35.26 19.17 -14.97
N LYS A 410 -36.02 20.26 -15.09
CA LYS A 410 -37.35 20.21 -15.69
C LYS A 410 -37.27 19.67 -17.11
N GLN A 411 -36.31 20.15 -17.89
CA GLN A 411 -36.21 19.70 -19.27
C GLN A 411 -35.58 18.32 -19.40
N HIS A 412 -34.85 17.82 -18.38
CA HIS A 412 -34.07 16.61 -18.58
C HIS A 412 -34.25 15.53 -17.53
N LEU A 413 -35.02 15.77 -16.46
CA LEU A 413 -35.55 14.65 -15.68
C LEU A 413 -36.93 14.31 -16.17
N ALA B 1 -2.41 -10.54 22.59
CA ALA B 1 -2.19 -11.37 21.41
C ALA B 1 -0.74 -11.26 20.92
N VAL B 2 -0.47 -11.90 19.78
CA VAL B 2 0.84 -11.91 19.16
C VAL B 2 0.64 -11.71 17.67
N GLY B 3 1.70 -11.30 16.98
CA GLY B 3 1.62 -11.22 15.54
C GLY B 3 1.90 -12.57 14.89
N GLN B 4 1.36 -12.77 13.67
CA GLN B 4 1.57 -14.04 12.97
C GLN B 4 1.83 -13.79 11.48
N PHE B 5 2.65 -14.67 10.87
CA PHE B 5 2.80 -14.62 9.41
C PHE B 5 2.88 -16.03 8.84
N TRP B 6 2.45 -16.15 7.58
CA TRP B 6 2.45 -17.45 6.90
C TRP B 6 3.73 -17.60 6.07
N HIS B 7 4.18 -18.85 5.93
CA HIS B 7 5.30 -19.18 5.04
C HIS B 7 4.83 -20.32 4.14
N VAL B 8 4.83 -20.06 2.82
CA VAL B 8 4.60 -21.10 1.82
C VAL B 8 5.79 -21.15 0.86
N THR B 9 6.07 -22.35 0.34
CA THR B 9 7.21 -22.44 -0.55
C THR B 9 7.09 -23.67 -1.45
N ASP B 10 7.82 -23.59 -2.57
CA ASP B 10 8.00 -24.70 -3.50
C ASP B 10 6.64 -25.30 -3.90
N LEU B 11 5.83 -24.44 -4.52
CA LEU B 11 4.49 -24.84 -4.94
C LEU B 11 4.55 -25.79 -6.12
N HIS B 12 5.43 -25.52 -7.08
CA HIS B 12 5.72 -26.43 -8.18
C HIS B 12 4.44 -26.92 -8.85
N LEU B 13 3.67 -25.96 -9.36
CA LEU B 13 2.49 -26.31 -10.12
C LEU B 13 2.87 -27.05 -11.40
N ASP B 14 2.23 -28.19 -11.65
CA ASP B 14 2.37 -28.87 -12.93
C ASP B 14 1.04 -28.69 -13.66
N PRO B 15 0.96 -27.74 -14.61
CA PRO B 15 -0.32 -27.53 -15.31
C PRO B 15 -0.80 -28.71 -16.16
N THR B 16 0.00 -29.74 -16.38
CA THR B 16 -0.49 -30.88 -17.15
C THR B 16 -1.12 -31.96 -16.28
N TYR B 17 -1.21 -31.74 -14.97
CA TYR B 17 -1.62 -32.82 -14.08
C TYR B 17 -3.06 -33.22 -14.32
N HIS B 18 -3.30 -34.52 -14.33
CA HIS B 18 -4.38 -35.07 -15.11
C HIS B 18 -4.56 -36.57 -14.80
N ILE B 19 -5.67 -36.95 -14.16
CA ILE B 19 -5.93 -38.37 -13.95
C ILE B 19 -6.44 -38.99 -15.24
N THR B 20 -5.73 -40.03 -15.72
CA THR B 20 -6.07 -40.74 -16.94
C THR B 20 -5.62 -42.19 -16.77
N ASP B 21 -6.09 -43.08 -17.65
CA ASP B 21 -5.75 -44.50 -17.51
C ASP B 21 -4.27 -44.72 -17.69
N ASP B 22 -3.65 -44.03 -18.64
CA ASP B 22 -2.23 -44.19 -18.90
C ASP B 22 -1.46 -43.37 -17.87
N ARG B 23 -0.84 -44.06 -16.92
CA ARG B 23 -0.20 -43.35 -15.82
C ARG B 23 1.12 -42.70 -16.23
N THR B 24 1.60 -42.94 -17.45
CA THR B 24 2.70 -42.15 -17.96
C THR B 24 2.23 -40.81 -18.53
N LYS B 25 0.92 -40.56 -18.52
CA LYS B 25 0.35 -39.32 -19.04
C LYS B 25 -0.28 -38.47 -17.93
N VAL B 26 -0.09 -38.85 -16.67
CA VAL B 26 -0.73 -38.13 -15.59
C VAL B 26 -0.07 -36.77 -15.39
N CYS B 27 1.25 -36.70 -15.57
CA CYS B 27 1.97 -35.47 -15.30
C CYS B 27 3.26 -35.46 -16.10
N ALA B 28 3.49 -34.37 -16.85
CA ALA B 28 4.78 -34.16 -17.50
C ALA B 28 5.94 -34.33 -16.51
N SER B 29 5.75 -33.88 -15.26
CA SER B 29 6.83 -33.92 -14.28
C SER B 29 7.27 -35.33 -13.85
N SER B 30 6.47 -36.39 -14.08
CA SER B 30 7.02 -37.73 -13.86
C SER B 30 7.97 -38.14 -14.99
N LYS B 31 8.04 -37.31 -16.04
CA LYS B 31 8.95 -37.51 -17.17
C LYS B 31 8.73 -38.87 -17.82
N GLY B 32 7.46 -39.21 -18.04
CA GLY B 32 7.10 -40.43 -18.72
C GLY B 32 7.05 -41.67 -17.86
N ALA B 33 7.48 -41.60 -16.59
CA ALA B 33 7.28 -42.77 -15.75
C ALA B 33 5.81 -42.89 -15.34
N ASN B 34 5.42 -44.09 -14.92
CA ASN B 34 4.06 -44.29 -14.40
C ASN B 34 3.89 -43.65 -13.05
N ALA B 35 3.02 -42.65 -12.97
CA ALA B 35 2.57 -42.17 -11.67
C ALA B 35 2.22 -43.36 -10.77
N SER B 36 2.55 -43.23 -9.48
CA SER B 36 2.51 -44.39 -8.59
C SER B 36 1.07 -44.78 -8.26
N ASN B 37 0.21 -43.81 -7.98
CA ASN B 37 -1.15 -44.02 -7.51
C ASN B 37 -1.79 -42.64 -7.49
N PRO B 38 -1.95 -42.02 -8.65
CA PRO B 38 -2.34 -40.61 -8.68
C PRO B 38 -3.76 -40.42 -8.19
N GLY B 39 -3.97 -39.36 -7.43
CA GLY B 39 -5.28 -38.95 -7.02
C GLY B 39 -5.46 -37.50 -7.37
N PRO B 40 -6.57 -36.90 -6.91
CA PRO B 40 -6.87 -35.52 -7.27
C PRO B 40 -5.88 -34.54 -6.68
N PHE B 41 -5.26 -34.87 -5.56
CA PHE B 41 -4.35 -33.93 -4.93
C PHE B 41 -2.89 -34.19 -5.28
N GLY B 42 -2.62 -35.16 -6.16
CA GLY B 42 -1.30 -35.35 -6.70
C GLY B 42 -0.86 -36.80 -6.67
N ASP B 43 0.44 -37.00 -6.90
CA ASP B 43 1.08 -38.29 -6.81
C ASP B 43 2.51 -38.07 -6.35
N VAL B 44 3.09 -39.08 -5.69
CA VAL B 44 4.46 -38.91 -5.20
C VAL B 44 5.46 -38.70 -6.34
N LEU B 45 5.13 -39.14 -7.57
CA LEU B 45 6.03 -38.97 -8.71
C LEU B 45 5.71 -37.75 -9.56
N CYS B 46 4.69 -36.97 -9.17
CA CYS B 46 4.26 -35.78 -9.88
C CYS B 46 4.46 -34.53 -9.03
N ASP B 47 4.54 -33.39 -9.71
CA ASP B 47 4.44 -32.11 -9.05
C ASP B 47 2.97 -31.78 -8.78
N SER B 48 2.76 -30.58 -8.24
CA SER B 48 1.48 -30.24 -7.62
C SER B 48 0.39 -30.04 -8.67
N PRO B 49 -0.73 -30.72 -8.56
CA PRO B 49 -1.92 -30.27 -9.31
C PRO B 49 -2.38 -28.93 -8.77
N TYR B 50 -2.98 -28.15 -9.66
CA TYR B 50 -3.57 -26.89 -9.21
C TYR B 50 -4.56 -27.12 -8.08
N GLN B 51 -5.26 -28.26 -8.09
CA GLN B 51 -6.19 -28.52 -7.00
C GLN B 51 -5.48 -28.58 -5.65
N LEU B 52 -4.25 -29.07 -5.62
CA LEU B 52 -3.52 -29.17 -4.35
C LEU B 52 -3.09 -27.79 -3.84
N ILE B 53 -2.49 -26.99 -4.71
CA ILE B 53 -2.10 -25.63 -4.34
C ILE B 53 -3.31 -24.84 -3.88
N LEU B 54 -4.40 -24.92 -4.63
CA LEU B 54 -5.60 -24.17 -4.25
C LEU B 54 -6.13 -24.65 -2.91
N SER B 55 -6.06 -25.96 -2.63
CA SER B 55 -6.47 -26.44 -1.32
C SER B 55 -5.57 -25.89 -0.20
N ALA B 56 -4.26 -25.76 -0.47
CA ALA B 56 -3.35 -25.18 0.54
C ALA B 56 -3.74 -23.74 0.85
N PHE B 57 -3.93 -22.92 -0.18
CA PHE B 57 -4.30 -21.52 0.04
C PHE B 57 -5.70 -21.38 0.62
N ASP B 58 -6.63 -22.25 0.20
CA ASP B 58 -7.96 -22.25 0.76
C ASP B 58 -7.92 -22.54 2.23
N PHE B 59 -7.14 -23.56 2.63
CA PHE B 59 -6.99 -23.84 4.05
C PHE B 59 -6.45 -22.62 4.79
N ILE B 60 -5.40 -21.99 4.27
CA ILE B 60 -4.85 -20.81 4.95
C ILE B 60 -5.95 -19.76 5.13
N LYS B 61 -6.66 -19.46 4.03
CA LYS B 61 -7.72 -18.46 4.06
C LYS B 61 -8.77 -18.77 5.12
N ASN B 62 -9.19 -20.03 5.23
CA ASN B 62 -10.27 -20.41 6.12
C ASN B 62 -9.77 -21.06 7.39
N SER B 63 -8.52 -20.80 7.78
CA SER B 63 -7.94 -21.46 8.95
C SER B 63 -8.40 -20.86 10.27
N GLY B 64 -8.89 -19.62 10.26
CA GLY B 64 -9.14 -18.91 11.50
C GLY B 64 -7.90 -18.38 12.17
N GLN B 65 -6.74 -18.41 11.51
CA GLN B 65 -5.52 -17.81 12.04
C GLN B 65 -5.36 -16.45 11.40
N GLU B 66 -5.27 -15.41 12.21
CA GLU B 66 -5.01 -14.11 11.62
C GLU B 66 -3.54 -14.04 11.25
N ALA B 67 -3.26 -13.32 10.18
CA ALA B 67 -1.87 -13.12 9.82
C ALA B 67 -1.77 -11.74 9.18
N SER B 68 -0.71 -11.01 9.54
CA SER B 68 -0.51 -9.71 8.93
C SER B 68 0.31 -9.78 7.65
N PHE B 69 1.05 -10.88 7.39
CA PHE B 69 1.73 -10.97 6.11
C PHE B 69 2.07 -12.42 5.78
N MET B 70 2.64 -12.59 4.60
CA MET B 70 3.04 -13.92 4.16
C MET B 70 4.38 -13.83 3.44
N ILE B 71 5.23 -14.84 3.63
CA ILE B 71 6.44 -14.97 2.83
C ILE B 71 6.29 -16.19 1.94
N TRP B 72 6.87 -16.08 0.74
CA TRP B 72 6.69 -17.09 -0.31
C TRP B 72 8.03 -17.26 -1.00
N THR B 73 8.73 -18.35 -0.72
CA THR B 73 10.15 -18.45 -1.09
C THR B 73 10.39 -19.29 -2.33
N GLY B 74 9.62 -19.14 -3.41
CA GLY B 74 10.08 -19.54 -4.74
C GLY B 74 9.66 -20.92 -5.21
N ASP B 75 10.14 -21.21 -6.43
CA ASP B 75 9.92 -22.44 -7.21
C ASP B 75 8.47 -22.75 -7.51
N SER B 76 7.93 -22.06 -8.50
CA SER B 76 6.58 -22.25 -8.96
C SER B 76 6.48 -23.17 -10.18
N PRO B 77 7.41 -23.15 -11.15
CA PRO B 77 7.32 -24.10 -12.28
C PRO B 77 7.63 -25.52 -11.85
N PRO B 78 7.17 -26.52 -12.63
CA PRO B 78 7.37 -27.93 -12.26
C PRO B 78 8.73 -28.45 -12.74
N HIS B 79 9.07 -29.64 -12.23
CA HIS B 79 10.32 -30.31 -12.61
C HIS B 79 10.06 -31.10 -13.89
N VAL B 80 10.24 -30.43 -15.01
CA VAL B 80 10.16 -31.07 -16.33
C VAL B 80 11.43 -30.70 -17.08
N PRO B 81 11.81 -31.50 -18.08
CA PRO B 81 13.06 -31.21 -18.81
C PRO B 81 13.04 -29.80 -19.35
N VAL B 82 14.19 -29.14 -19.25
CA VAL B 82 14.38 -27.78 -19.73
C VAL B 82 13.75 -27.57 -21.12
N PRO B 83 13.96 -28.46 -22.09
CA PRO B 83 13.31 -28.26 -23.40
C PRO B 83 11.79 -28.24 -23.35
N GLU B 84 11.15 -28.67 -22.25
CA GLU B 84 9.70 -28.63 -22.17
C GLU B 84 9.16 -27.31 -21.64
N LEU B 85 10.03 -26.43 -21.13
CA LEU B 85 9.64 -25.13 -20.61
C LEU B 85 10.22 -24.03 -21.49
N SER B 86 9.91 -22.79 -21.12
CA SER B 86 10.44 -21.61 -21.78
C SER B 86 10.34 -20.44 -20.81
N THR B 87 10.95 -19.31 -21.21
CA THR B 87 10.78 -18.09 -20.44
C THR B 87 9.31 -17.71 -20.33
N GLY B 88 8.60 -17.71 -21.46
CA GLY B 88 7.17 -17.41 -21.44
C GLY B 88 6.38 -18.33 -20.51
N THR B 89 6.65 -19.64 -20.55
CA THR B 89 5.88 -20.57 -19.73
C THR B 89 6.24 -20.43 -18.25
N VAL B 90 7.51 -20.16 -17.95
CA VAL B 90 7.90 -19.91 -16.56
C VAL B 90 7.17 -18.70 -16.01
N ILE B 91 7.19 -17.59 -16.78
CA ILE B 91 6.46 -16.40 -16.38
C ILE B 91 4.98 -16.71 -16.21
N LYS B 92 4.43 -17.53 -17.09
CA LYS B 92 3.01 -17.84 -17.04
C LYS B 92 2.64 -18.53 -15.73
N VAL B 93 3.45 -19.50 -15.32
CA VAL B 93 3.21 -20.20 -14.05
C VAL B 93 3.39 -19.24 -12.86
N ILE B 94 4.48 -18.47 -12.84
CA ILE B 94 4.69 -17.52 -11.75
C ILE B 94 3.51 -16.57 -11.63
N THR B 95 3.04 -16.05 -12.79
CA THR B 95 1.89 -15.16 -12.81
C THR B 95 0.66 -15.83 -12.22
N ASN B 96 0.42 -17.09 -12.59
CA ASN B 96 -0.73 -17.81 -12.07
C ASN B 96 -0.68 -17.91 -10.55
N MET B 97 0.46 -18.33 -10.00
CA MET B 97 0.54 -18.39 -8.54
C MET B 97 0.34 -17.02 -7.89
N THR B 98 0.99 -15.98 -8.44
CA THR B 98 0.82 -14.63 -7.89
C THR B 98 -0.65 -14.21 -7.90
N MET B 99 -1.34 -14.42 -9.02
CA MET B 99 -2.73 -14.00 -9.13
C MET B 99 -3.62 -14.82 -8.20
N THR B 100 -3.35 -16.13 -8.07
CA THR B 100 -4.05 -16.95 -7.09
C THR B 100 -3.92 -16.33 -5.71
N VAL B 101 -2.70 -15.95 -5.32
CA VAL B 101 -2.49 -15.39 -3.98
C VAL B 101 -3.20 -14.04 -3.85
N GLN B 102 -3.09 -13.19 -4.86
CA GLN B 102 -3.69 -11.86 -4.78
C GLN B 102 -5.21 -11.95 -4.79
N ASN B 103 -5.77 -12.93 -5.51
CA ASN B 103 -7.21 -13.14 -5.56
C ASN B 103 -7.74 -13.61 -4.22
N LEU B 104 -7.07 -14.59 -3.59
CA LEU B 104 -7.61 -15.06 -2.32
C LEU B 104 -7.27 -14.16 -1.14
N PHE B 105 -6.18 -13.37 -1.20
CA PHE B 105 -5.74 -12.55 -0.09
C PHE B 105 -5.44 -11.12 -0.55
N PRO B 106 -6.47 -10.38 -0.98
CA PRO B 106 -6.20 -9.09 -1.64
C PRO B 106 -5.59 -8.03 -0.73
N ASN B 107 -5.76 -8.14 0.59
CA ASN B 107 -5.16 -7.18 1.51
C ASN B 107 -4.03 -7.76 2.36
N LEU B 108 -3.44 -8.87 1.92
CA LEU B 108 -2.32 -9.45 2.65
C LEU B 108 -1.04 -9.08 1.89
N GLN B 109 -0.12 -8.39 2.57
CA GLN B 109 1.18 -8.17 1.95
C GLN B 109 1.97 -9.48 1.92
N VAL B 110 2.48 -9.81 0.74
CA VAL B 110 3.27 -11.02 0.52
C VAL B 110 4.66 -10.61 0.07
N PHE B 111 5.65 -11.35 0.56
CA PHE B 111 7.06 -11.10 0.28
C PHE B 111 7.60 -12.33 -0.46
N PRO B 112 7.67 -12.27 -1.78
CA PRO B 112 8.19 -13.39 -2.57
C PRO B 112 9.71 -13.37 -2.69
N ALA B 113 10.27 -14.57 -2.86
CA ALA B 113 11.67 -14.71 -3.24
C ALA B 113 11.70 -15.65 -4.44
N LEU B 114 12.67 -15.44 -5.34
CA LEU B 114 12.76 -16.30 -6.52
C LEU B 114 13.47 -17.62 -6.19
N GLY B 115 13.05 -18.70 -6.84
CA GLY B 115 13.66 -20.00 -6.71
C GLY B 115 14.42 -20.37 -7.99
N ASN B 116 15.20 -21.46 -7.90
CA ASN B 116 16.10 -21.78 -9.02
C ASN B 116 15.34 -22.26 -10.26
N HIS B 117 14.09 -22.72 -10.09
CA HIS B 117 13.19 -23.02 -11.20
C HIS B 117 12.44 -21.80 -11.70
N ASP B 118 12.49 -20.68 -10.97
CA ASP B 118 11.71 -19.53 -11.38
C ASP B 118 12.48 -18.78 -12.45
N TYR B 119 12.92 -19.49 -13.49
CA TYR B 119 13.74 -18.94 -14.57
C TYR B 119 13.89 -20.03 -15.62
N TRP B 120 14.17 -19.62 -16.86
CA TRP B 120 14.39 -20.57 -17.94
C TRP B 120 15.69 -20.24 -18.65
N PRO B 121 16.63 -21.18 -18.77
CA PRO B 121 16.60 -22.53 -18.17
C PRO B 121 16.62 -22.49 -16.66
N GLN B 122 16.16 -23.55 -16.01
CA GLN B 122 16.23 -23.55 -14.55
C GLN B 122 17.68 -23.35 -14.08
N ASP B 123 17.80 -22.78 -12.90
CA ASP B 123 19.07 -22.62 -12.18
C ASP B 123 19.96 -21.53 -12.75
N GLN B 124 19.69 -21.06 -13.96
CA GLN B 124 20.56 -20.10 -14.65
C GLN B 124 20.13 -18.65 -14.44
N LEU B 125 19.85 -18.30 -13.21
CA LEU B 125 19.46 -16.92 -12.92
C LEU B 125 20.67 -16.01 -13.16
N PRO B 126 20.49 -14.88 -13.83
CA PRO B 126 21.64 -14.06 -14.22
C PRO B 126 21.93 -12.91 -13.26
N ILE B 127 23.05 -12.22 -13.51
CA ILE B 127 23.52 -11.16 -12.61
C ILE B 127 23.21 -9.78 -13.15
N VAL B 128 22.37 -9.70 -14.19
CA VAL B 128 21.91 -8.45 -14.80
C VAL B 128 20.41 -8.59 -15.01
N THR B 129 19.78 -7.50 -15.46
CA THR B 129 18.34 -7.56 -15.62
C THR B 129 17.94 -8.54 -16.72
N SER B 130 16.71 -9.03 -16.63
CA SER B 130 16.25 -10.14 -17.45
C SER B 130 14.74 -10.06 -17.58
N LYS B 131 14.22 -10.84 -18.54
CA LYS B 131 12.79 -10.94 -18.79
C LYS B 131 12.06 -11.34 -17.52
N VAL B 132 12.57 -12.37 -16.86
CA VAL B 132 11.87 -12.87 -15.70
C VAL B 132 11.95 -11.88 -14.56
N TYR B 133 13.12 -11.27 -14.34
CA TYR B 133 13.26 -10.29 -13.26
C TYR B 133 12.27 -9.14 -13.44
N SER B 134 12.24 -8.56 -14.65
CA SER B 134 11.26 -7.54 -14.99
C SER B 134 9.85 -8.00 -14.72
N ALA B 135 9.52 -9.21 -15.21
CA ALA B 135 8.16 -9.69 -15.13
C ALA B 135 7.72 -9.83 -13.67
N VAL B 136 8.58 -10.41 -12.83
CA VAL B 136 8.16 -10.57 -11.44
C VAL B 136 8.15 -9.23 -10.73
N ALA B 137 9.00 -8.27 -11.15
CA ALA B 137 8.86 -6.91 -10.60
C ALA B 137 7.48 -6.35 -10.90
N ASP B 138 7.05 -6.45 -12.17
CA ASP B 138 5.68 -6.11 -12.55
C ASP B 138 4.65 -6.81 -11.66
N LEU B 139 4.81 -8.13 -11.52
CA LEU B 139 3.82 -8.97 -10.84
C LEU B 139 3.70 -8.61 -9.37
N TRP B 140 4.82 -8.34 -8.72
CA TRP B 140 4.87 -8.15 -7.27
C TRP B 140 4.82 -6.71 -6.86
N LYS B 141 4.70 -5.81 -7.83
CA LYS B 141 4.51 -4.38 -7.60
C LYS B 141 3.50 -4.03 -6.51
N PRO B 142 2.34 -4.73 -6.38
CA PRO B 142 1.39 -4.37 -5.30
C PRO B 142 1.99 -4.41 -3.89
N TRP B 143 3.01 -5.23 -3.66
CA TRP B 143 3.54 -5.44 -2.32
C TRP B 143 4.87 -4.74 -2.08
N LEU B 144 5.48 -4.16 -3.11
CA LEU B 144 6.86 -3.68 -3.08
C LEU B 144 6.96 -2.24 -3.53
N GLY B 145 7.76 -1.44 -2.79
CA GLY B 145 8.01 -0.05 -3.12
C GLY B 145 9.00 0.10 -4.26
N GLU B 146 9.32 1.36 -4.57
CA GLU B 146 10.12 1.68 -5.75
C GLU B 146 11.53 1.13 -5.67
N GLU B 147 12.17 1.24 -4.50
CA GLU B 147 13.53 0.76 -4.41
C GLU B 147 13.58 -0.77 -4.55
N ALA B 148 12.68 -1.47 -3.85
CA ALA B 148 12.59 -2.93 -4.00
C ALA B 148 12.40 -3.33 -5.46
N ILE B 149 11.45 -2.68 -6.15
CA ILE B 149 11.19 -2.97 -7.55
C ILE B 149 12.46 -2.81 -8.37
N SER B 150 13.23 -1.76 -8.08
CA SER B 150 14.43 -1.47 -8.87
C SER B 150 15.49 -2.57 -8.70
N THR B 151 15.77 -2.96 -7.45
CA THR B 151 16.75 -4.03 -7.24
C THR B 151 16.23 -5.38 -7.73
N LEU B 152 14.93 -5.64 -7.56
CA LEU B 152 14.37 -6.91 -8.05
C LEU B 152 14.55 -7.03 -9.55
N LYS B 153 14.20 -5.97 -10.27
CA LYS B 153 14.37 -5.96 -11.71
C LYS B 153 15.81 -6.18 -12.10
N LYS B 154 16.73 -5.66 -11.32
CA LYS B 154 18.12 -5.83 -11.77
C LYS B 154 18.84 -7.15 -11.38
N GLY B 155 18.57 -7.67 -10.23
CA GLY B 155 19.29 -8.81 -9.75
C GLY B 155 18.40 -9.84 -9.04
N GLY B 156 17.09 -9.58 -8.93
CA GLY B 156 16.24 -10.59 -8.36
C GLY B 156 16.17 -10.61 -6.84
N PHE B 157 16.62 -9.54 -6.18
CA PHE B 157 16.53 -9.41 -4.71
C PHE B 157 15.98 -8.03 -4.36
N TYR B 158 15.55 -7.87 -3.11
CA TYR B 158 15.03 -6.58 -2.64
C TYR B 158 14.94 -6.61 -1.12
N SER B 159 14.74 -5.45 -0.53
CA SER B 159 14.25 -5.40 0.85
C SER B 159 12.98 -4.55 0.87
N GLN B 160 12.13 -4.79 1.87
CA GLN B 160 10.85 -4.11 1.90
C GLN B 160 10.32 -4.03 3.32
N LYS B 161 9.81 -2.84 3.69
CA LYS B 161 9.16 -2.68 4.99
C LYS B 161 7.84 -3.45 5.03
N VAL B 162 7.53 -3.97 6.22
CA VAL B 162 6.26 -4.67 6.44
C VAL B 162 5.23 -3.61 6.82
N ALA B 163 4.25 -3.39 5.95
CA ALA B 163 3.30 -2.30 6.15
C ALA B 163 2.62 -2.42 7.52
N SER B 164 2.27 -3.65 7.90
CA SER B 164 1.49 -3.94 9.10
C SER B 164 2.35 -4.03 10.35
N ASN B 165 3.66 -3.96 10.22
CA ASN B 165 4.58 -4.24 11.32
C ASN B 165 5.72 -3.24 11.27
N PRO B 166 5.43 -1.98 11.59
CA PRO B 166 6.47 -0.95 11.55
C PRO B 166 7.66 -1.35 12.41
N GLY B 167 8.86 -1.04 11.95
CA GLY B 167 10.06 -1.52 12.60
C GLY B 167 10.54 -2.88 12.13
N LEU B 168 9.83 -3.50 11.20
CA LEU B 168 10.19 -4.79 10.64
C LEU B 168 10.44 -4.60 9.15
N ARG B 169 11.52 -5.24 8.65
CA ARG B 169 11.90 -5.20 7.25
C ARG B 169 12.26 -6.59 6.79
N ILE B 170 11.67 -7.01 5.67
CA ILE B 170 11.98 -8.29 5.03
C ILE B 170 13.11 -8.05 4.06
N ILE B 171 14.14 -8.88 4.10
CA ILE B 171 15.18 -8.91 3.08
C ILE B 171 15.03 -10.19 2.31
N SER B 172 14.69 -10.06 1.04
CA SER B 172 14.50 -11.19 0.15
C SER B 172 15.72 -11.27 -0.74
N LEU B 173 16.61 -12.21 -0.39
CA LEU B 173 17.82 -12.51 -1.15
C LEU B 173 17.53 -13.42 -2.33
N ASN B 174 18.38 -13.30 -3.37
CA ASN B 174 18.39 -14.25 -4.49
C ASN B 174 19.60 -15.16 -4.28
N THR B 175 19.42 -16.22 -3.50
CA THR B 175 20.53 -17.13 -3.21
C THR B 175 20.76 -18.12 -4.35
N ASN B 176 19.91 -18.09 -5.38
CA ASN B 176 20.18 -18.91 -6.54
C ASN B 176 21.41 -18.47 -7.28
N LEU B 177 21.87 -17.26 -7.02
CA LEU B 177 23.13 -16.79 -7.60
C LEU B 177 24.31 -17.58 -7.04
N TYR B 178 24.12 -18.22 -5.89
CA TYR B 178 25.18 -18.94 -5.19
C TYR B 178 25.05 -20.45 -5.34
N TYR B 179 24.03 -20.88 -6.04
CA TYR B 179 23.64 -22.28 -6.13
C TYR B 179 24.53 -22.97 -7.15
N GLY B 180 25.13 -24.10 -6.76
CA GLY B 180 26.08 -24.83 -7.58
C GLY B 180 25.72 -25.04 -9.04
N PRO B 181 24.49 -25.48 -9.32
CA PRO B 181 24.06 -25.62 -10.73
C PRO B 181 23.96 -24.32 -11.54
N ASN B 182 24.17 -23.15 -10.93
CA ASN B 182 24.07 -21.89 -11.69
C ASN B 182 25.38 -21.67 -12.43
N ILE B 183 25.35 -21.95 -13.73
CA ILE B 183 26.50 -21.71 -14.60
C ILE B 183 26.79 -20.24 -14.89
N MET B 184 25.81 -19.33 -14.69
CA MET B 184 26.04 -17.89 -14.84
C MET B 184 26.94 -17.18 -13.80
N THR B 185 27.42 -17.83 -12.75
CA THR B 185 28.05 -17.06 -11.68
C THR B 185 29.37 -17.66 -11.22
N LEU B 186 29.94 -18.60 -11.98
CA LEU B 186 31.21 -19.20 -11.62
C LEU B 186 32.30 -18.15 -11.47
N ASN B 187 33.10 -18.27 -10.40
CA ASN B 187 34.31 -17.51 -10.17
C ASN B 187 34.05 -16.00 -10.01
N LYS B 188 32.98 -15.66 -9.29
CA LYS B 188 32.53 -14.29 -9.10
C LYS B 188 32.50 -13.95 -7.64
N THR B 189 33.12 -12.84 -7.28
CA THR B 189 33.24 -12.62 -5.86
C THR B 189 31.96 -12.05 -5.25
N ASP B 190 31.22 -11.23 -6.00
CA ASP B 190 29.96 -10.65 -5.53
C ASP B 190 28.97 -10.55 -6.67
N PRO B 191 28.39 -11.68 -7.09
CA PRO B 191 27.43 -11.66 -8.21
C PRO B 191 26.26 -10.73 -7.97
N ALA B 192 25.96 -9.92 -8.98
CA ALA B 192 24.91 -8.91 -8.96
C ALA B 192 25.07 -7.91 -7.82
N ASN B 193 26.24 -7.87 -7.19
CA ASN B 193 26.55 -6.97 -6.07
C ASN B 193 25.66 -7.20 -4.86
N GLN B 194 25.11 -8.43 -4.74
CA GLN B 194 24.16 -8.67 -3.65
C GLN B 194 24.80 -8.53 -2.27
N PHE B 195 26.01 -9.10 -2.07
CA PHE B 195 26.68 -8.94 -0.78
C PHE B 195 26.80 -7.47 -0.42
N GLU B 196 27.31 -6.66 -1.35
CA GLU B 196 27.53 -5.26 -1.01
C GLU B 196 26.21 -4.61 -0.64
N TRP B 197 25.18 -4.89 -1.43
CA TRP B 197 23.85 -4.35 -1.15
C TRP B 197 23.34 -4.86 0.20
N LEU B 198 23.54 -6.15 0.47
CA LEU B 198 23.04 -6.71 1.73
C LEU B 198 23.65 -5.99 2.90
N GLU B 199 24.97 -5.77 2.84
CA GLU B 199 25.63 -5.09 3.95
C GLU B 199 25.08 -3.69 4.09
N ASN B 200 24.93 -3.00 2.96
CA ASN B 200 24.37 -1.65 3.03
C ASN B 200 23.00 -1.69 3.70
N THR B 201 22.18 -2.66 3.26
CA THR B 201 20.82 -2.71 3.78
C THR B 201 20.83 -2.99 5.27
N LEU B 202 21.67 -3.93 5.72
CA LEU B 202 21.65 -4.22 7.15
C LEU B 202 22.10 -3.00 7.93
N ASN B 203 23.11 -2.28 7.41
CA ASN B 203 23.58 -1.10 8.11
C ASN B 203 22.46 -0.06 8.23
N SER B 204 21.69 0.12 7.15
CA SER B 204 20.56 1.03 7.21
C SER B 204 19.56 0.60 8.27
N SER B 205 19.24 -0.71 8.31
CA SER B 205 18.28 -1.20 9.29
C SER B 205 18.80 -0.98 10.69
N LEU B 206 20.12 -1.13 10.88
CA LEU B 206 20.68 -0.82 12.19
C LEU B 206 20.31 0.60 12.58
N TRP B 207 20.57 1.55 11.69
CA TRP B 207 20.46 2.95 12.10
C TRP B 207 19.02 3.44 12.11
N ASN B 208 18.10 2.73 11.44
CA ASN B 208 16.68 3.00 11.47
C ASN B 208 15.94 2.19 12.53
N LYS B 209 16.66 1.51 13.42
CA LYS B 209 16.05 0.74 14.50
C LYS B 209 14.99 -0.24 13.97
N GLU B 210 15.33 -0.93 12.87
CA GLU B 210 14.50 -2.00 12.32
C GLU B 210 15.07 -3.36 12.68
N LYS B 211 14.16 -4.31 12.87
CA LYS B 211 14.50 -5.72 12.87
C LYS B 211 14.31 -6.28 11.46
N VAL B 212 15.01 -7.37 11.16
CA VAL B 212 15.04 -7.92 9.81
C VAL B 212 14.69 -9.40 9.83
N TYR B 213 13.81 -9.82 8.90
CA TYR B 213 13.66 -11.23 8.54
C TYR B 213 14.33 -11.45 7.17
N ILE B 214 15.28 -12.38 7.13
CA ILE B 214 15.92 -12.82 5.89
C ILE B 214 15.05 -13.93 5.30
N ILE B 215 14.63 -13.76 4.06
CA ILE B 215 14.03 -14.88 3.35
C ILE B 215 14.81 -15.09 2.07
N ALA B 216 14.86 -16.35 1.64
CA ALA B 216 15.45 -16.74 0.37
C ALA B 216 14.96 -18.14 0.03
N HIS B 217 15.29 -18.58 -1.18
CA HIS B 217 14.91 -19.92 -1.61
C HIS B 217 15.94 -20.96 -1.12
N VAL B 218 17.14 -20.93 -1.70
CA VAL B 218 18.17 -21.89 -1.30
C VAL B 218 18.76 -21.46 0.04
N PRO B 219 18.88 -22.37 1.01
CA PRO B 219 19.36 -21.99 2.34
C PRO B 219 20.88 -21.90 2.39
N VAL B 220 21.35 -21.32 3.50
CA VAL B 220 22.75 -21.39 3.90
C VAL B 220 22.98 -22.74 4.58
N GLY B 221 24.24 -23.03 4.92
CA GLY B 221 24.55 -24.27 5.60
C GLY B 221 24.55 -25.51 4.71
N TYR B 222 24.59 -26.64 5.39
CA TYR B 222 24.91 -27.91 4.77
C TYR B 222 23.65 -28.76 4.62
N LEU B 223 23.56 -29.49 3.53
CA LEU B 223 22.43 -30.36 3.29
C LEU B 223 22.45 -31.48 4.32
N PRO B 224 21.37 -31.69 5.08
CA PRO B 224 21.46 -32.57 6.24
C PRO B 224 21.50 -34.05 5.92
N TYR B 225 21.27 -34.44 4.66
CA TYR B 225 21.24 -35.83 4.25
C TYR B 225 22.51 -36.29 3.58
N ALA B 226 23.46 -35.38 3.34
CA ALA B 226 24.69 -35.66 2.65
C ALA B 226 25.88 -35.27 3.50
N THR B 227 27.04 -35.68 3.04
CA THR B 227 28.30 -35.37 3.67
C THR B 227 28.94 -34.22 2.92
N ASP B 228 29.25 -33.15 3.64
CA ASP B 228 30.10 -32.07 3.11
C ASP B 228 29.54 -31.52 1.81
N THR B 229 28.23 -31.33 1.76
CA THR B 229 27.63 -30.74 0.57
C THR B 229 26.88 -29.51 1.03
N PRO B 230 27.47 -28.32 0.87
CA PRO B 230 26.75 -27.10 1.23
C PRO B 230 25.64 -26.84 0.23
N ALA B 231 24.57 -26.24 0.72
CA ALA B 231 23.43 -26.01 -0.17
C ALA B 231 23.79 -25.01 -1.27
N ILE B 232 24.58 -23.99 -0.94
CA ILE B 232 25.19 -23.09 -1.93
C ILE B 232 26.71 -23.33 -1.90
N ARG B 233 27.39 -22.89 -2.96
CA ARG B 233 28.83 -23.10 -3.04
C ARG B 233 29.54 -22.57 -1.80
N GLN B 234 30.56 -23.31 -1.34
CA GLN B 234 31.25 -22.98 -0.08
C GLN B 234 31.64 -21.51 0.00
N TYR B 235 32.25 -20.98 -1.06
CA TYR B 235 32.72 -19.59 -1.04
C TYR B 235 31.60 -18.65 -0.64
N TYR B 236 30.45 -18.79 -1.30
CA TYR B 236 29.31 -17.93 -1.01
C TYR B 236 28.70 -18.22 0.36
N ASN B 237 28.60 -19.50 0.74
CA ASN B 237 28.06 -19.81 2.07
C ASN B 237 28.87 -19.11 3.15
N GLU B 238 30.20 -19.15 3.04
CA GLU B 238 31.04 -18.52 4.05
C GLU B 238 30.83 -17.02 4.07
N LYS B 239 30.81 -16.37 2.90
CA LYS B 239 30.62 -14.93 2.82
C LYS B 239 29.28 -14.48 3.43
N LEU B 240 28.20 -15.15 3.03
CA LEU B 240 26.87 -14.83 3.54
C LEU B 240 26.77 -15.05 5.04
N LEU B 241 27.29 -16.19 5.54
CA LEU B 241 27.30 -16.43 6.98
C LEU B 241 28.09 -15.35 7.71
N ASP B 242 29.24 -14.94 7.18
CA ASP B 242 29.98 -13.86 7.83
C ASP B 242 29.09 -12.62 8.02
N ILE B 243 28.35 -12.26 6.96
CA ILE B 243 27.41 -11.13 7.08
C ILE B 243 26.36 -11.40 8.16
N PHE B 244 25.76 -12.59 8.14
CA PHE B 244 24.67 -12.89 9.08
C PHE B 244 25.15 -12.89 10.53
N ARG B 245 26.31 -13.50 10.78
CA ARG B 245 26.87 -13.50 12.13
C ARG B 245 27.15 -12.08 12.59
N ARG B 246 27.71 -11.24 11.71
CA ARG B 246 28.05 -9.92 12.16
C ARG B 246 26.79 -9.10 12.48
N TYR B 247 25.71 -9.30 11.74
CA TYR B 247 24.45 -8.59 11.92
C TYR B 247 23.40 -9.42 12.66
N SER B 248 23.82 -10.44 13.41
CA SER B 248 22.87 -11.35 14.03
C SER B 248 22.06 -10.70 15.12
N SER B 249 22.45 -9.51 15.60
CA SER B 249 21.58 -8.84 16.55
C SER B 249 20.48 -8.05 15.84
N VAL B 250 20.66 -7.77 14.56
CA VAL B 250 19.63 -7.09 13.79
C VAL B 250 18.68 -8.09 13.17
N ILE B 251 19.18 -9.26 12.76
CA ILE B 251 18.39 -10.28 12.09
C ILE B 251 17.66 -11.08 13.16
N ALA B 252 16.34 -11.05 13.13
CA ALA B 252 15.48 -11.73 14.09
C ALA B 252 14.89 -13.05 13.58
N GLY B 253 15.15 -13.41 12.32
CA GLY B 253 14.78 -14.71 11.80
C GLY B 253 15.34 -14.95 10.40
N GLN B 254 15.56 -16.23 10.03
CA GLN B 254 15.92 -16.59 8.66
C GLN B 254 14.97 -17.68 8.20
N PHE B 255 14.49 -17.58 6.96
CA PHE B 255 13.45 -18.48 6.49
C PHE B 255 13.76 -18.87 5.06
N TYR B 256 13.87 -20.17 4.80
CA TYR B 256 14.26 -20.68 3.50
C TYR B 256 13.33 -21.81 3.09
N GLY B 257 13.42 -22.17 1.80
CA GLY B 257 12.76 -23.32 1.20
C GLY B 257 13.77 -24.23 0.53
N HIS B 258 13.46 -24.62 -0.70
CA HIS B 258 14.34 -25.37 -1.61
C HIS B 258 14.55 -26.85 -1.23
N THR B 259 14.72 -27.16 0.05
CA THR B 259 15.05 -28.56 0.34
C THR B 259 13.81 -29.46 0.37
N HIS B 260 12.60 -28.90 0.31
CA HIS B 260 11.35 -29.64 0.43
C HIS B 260 11.25 -30.43 1.75
N ARG B 261 12.00 -30.03 2.77
CA ARG B 261 11.96 -30.72 4.06
C ARG B 261 11.77 -29.71 5.20
N ASP B 262 11.40 -30.24 6.36
CA ASP B 262 11.27 -29.46 7.60
C ASP B 262 12.58 -29.59 8.37
N SER B 263 13.40 -28.54 8.34
CA SER B 263 14.71 -28.57 8.98
C SER B 263 14.94 -27.31 9.80
N LEU B 264 15.60 -27.48 10.95
CA LEU B 264 16.07 -26.39 11.77
C LEU B 264 17.55 -26.16 11.51
N MET B 265 17.99 -24.93 11.72
CA MET B 265 19.42 -24.67 11.82
C MET B 265 19.63 -23.60 12.88
N VAL B 266 20.75 -23.66 13.58
CA VAL B 266 21.12 -22.60 14.53
C VAL B 266 22.46 -22.05 14.05
N LEU B 267 22.44 -20.86 13.47
CA LEU B 267 23.69 -20.20 13.11
C LEU B 267 24.49 -19.91 14.37
N SER B 268 25.73 -20.35 14.42
CA SER B 268 26.55 -20.15 15.60
C SER B 268 27.90 -19.54 15.21
N ASP B 269 28.54 -18.85 16.15
CA ASP B 269 29.89 -18.39 15.88
C ASP B 269 30.86 -19.54 16.15
N LYS B 270 32.14 -19.30 15.89
CA LYS B 270 33.12 -20.38 15.96
C LYS B 270 33.22 -21.00 17.36
N ASN B 271 32.70 -20.33 18.38
CA ASN B 271 32.71 -20.86 19.74
C ASN B 271 31.34 -21.30 20.24
N GLY B 272 30.41 -21.58 19.32
CA GLY B 272 29.16 -22.19 19.68
C GLY B 272 28.13 -21.28 20.28
N ASN B 273 28.47 -20.00 20.51
CA ASN B 273 27.45 -19.03 20.85
C ASN B 273 26.35 -19.15 19.78
N PRO B 274 25.18 -19.69 20.13
CA PRO B 274 24.09 -19.67 19.14
C PRO B 274 23.70 -18.23 18.90
N LEU B 275 23.71 -17.79 17.65
CA LEU B 275 23.48 -16.40 17.31
C LEU B 275 22.10 -16.16 16.72
N ASN B 276 21.57 -17.10 15.95
CA ASN B 276 20.45 -16.73 15.09
C ASN B 276 19.83 -17.96 14.41
N SER B 277 18.49 -17.98 14.42
CA SER B 277 17.69 -19.14 14.16
C SER B 277 17.17 -19.13 12.74
N VAL B 278 17.19 -20.33 12.17
CA VAL B 278 17.02 -20.58 10.76
C VAL B 278 15.96 -21.65 10.60
N PHE B 279 14.94 -21.37 9.78
CA PHE B 279 13.81 -22.27 9.58
C PHE B 279 13.65 -22.56 8.09
N VAL B 280 13.89 -23.81 7.71
CA VAL B 280 13.68 -24.30 6.36
C VAL B 280 12.31 -25.00 6.33
N ALA B 281 11.39 -24.51 5.49
CA ALA B 281 10.04 -25.05 5.44
C ALA B 281 9.89 -26.08 4.34
N PRO B 282 9.09 -27.13 4.53
CA PRO B 282 8.90 -28.12 3.46
C PRO B 282 7.96 -27.58 2.38
N ALA B 283 7.93 -28.29 1.26
CA ALA B 283 7.25 -27.84 0.04
C ALA B 283 5.76 -28.19 0.07
N VAL B 284 5.00 -27.54 -0.82
CA VAL B 284 3.64 -28.02 -1.09
C VAL B 284 3.68 -29.24 -2.01
N THR B 285 4.53 -29.22 -3.03
CA THR B 285 4.61 -30.40 -3.87
C THR B 285 5.16 -31.60 -3.09
N PRO B 286 4.68 -32.82 -3.41
CA PRO B 286 5.24 -34.03 -2.81
C PRO B 286 6.19 -34.77 -3.74
N VAL B 287 6.64 -34.12 -4.82
CA VAL B 287 7.30 -34.84 -5.91
C VAL B 287 8.56 -35.53 -5.42
N LYS B 288 8.86 -36.68 -6.02
CA LYS B 288 10.08 -37.44 -5.72
C LYS B 288 10.51 -38.21 -6.96
N GLY B 289 11.81 -38.48 -7.06
CA GLY B 289 12.29 -39.34 -8.13
C GLY B 289 11.89 -40.79 -7.88
N VAL B 290 12.01 -41.62 -8.92
CA VAL B 290 11.55 -43.01 -8.84
C VAL B 290 12.35 -43.81 -7.81
N LEU B 291 13.69 -43.71 -7.83
CA LEU B 291 14.48 -44.48 -6.86
C LEU B 291 14.32 -43.98 -5.45
N GLN B 292 14.19 -42.66 -5.28
CA GLN B 292 14.02 -42.04 -3.98
C GLN B 292 12.97 -42.76 -3.15
N LYS B 293 13.32 -43.09 -1.91
CA LYS B 293 12.44 -43.91 -1.10
C LYS B 293 11.44 -43.09 -0.30
N GLU B 294 11.86 -41.94 0.24
CA GLU B 294 10.98 -41.08 1.02
C GLU B 294 10.70 -39.78 0.26
N THR B 295 9.65 -39.09 0.70
CA THR B 295 9.35 -37.73 0.25
C THR B 295 8.58 -37.04 1.37
N ASN B 296 8.13 -35.82 1.10
CA ASN B 296 7.36 -35.04 2.05
C ASN B 296 5.88 -35.10 1.71
N ASN B 297 5.03 -35.12 2.76
CA ASN B 297 3.66 -34.64 2.61
C ASN B 297 3.67 -33.15 2.33
N PRO B 298 2.66 -32.63 1.62
CA PRO B 298 2.52 -31.17 1.45
C PRO B 298 2.40 -30.46 2.79
N GLY B 299 3.01 -29.28 2.88
CA GLY B 299 3.08 -28.55 4.13
C GLY B 299 2.98 -27.06 3.90
N VAL B 300 2.44 -26.36 4.91
CA VAL B 300 2.50 -24.89 5.00
C VAL B 300 2.66 -24.56 6.47
N ARG B 301 3.23 -23.39 6.77
CA ARG B 301 3.51 -23.12 8.18
C ARG B 301 3.22 -21.67 8.54
N LEU B 302 3.04 -21.46 9.85
CA LEU B 302 2.72 -20.17 10.45
C LEU B 302 3.70 -19.89 11.56
N PHE B 303 4.22 -18.66 11.61
CA PHE B 303 5.08 -18.20 12.69
C PHE B 303 4.35 -17.20 13.57
N GLN B 304 4.55 -17.32 14.87
CA GLN B 304 4.12 -16.31 15.84
C GLN B 304 5.33 -15.60 16.41
N TYR B 305 5.17 -14.28 16.61
CA TYR B 305 6.23 -13.38 17.00
C TYR B 305 5.70 -12.30 17.94
N LYS B 306 6.62 -11.74 18.70
CA LYS B 306 6.30 -10.70 19.66
C LYS B 306 5.97 -9.40 18.93
N PRO B 307 4.79 -8.84 19.10
CA PRO B 307 4.44 -7.61 18.36
C PRO B 307 5.37 -6.46 18.71
N GLY B 308 5.59 -5.59 17.72
CA GLY B 308 6.47 -4.45 17.88
C GLY B 308 7.91 -4.80 18.25
N ASP B 309 8.22 -6.10 18.21
CA ASP B 309 9.48 -6.61 18.75
C ASP B 309 10.10 -7.64 17.82
N TYR B 310 9.27 -8.52 17.28
CA TYR B 310 9.62 -9.48 16.23
C TYR B 310 10.51 -10.61 16.73
N THR B 311 10.70 -10.76 18.04
CA THR B 311 11.22 -12.01 18.56
C THR B 311 10.26 -13.15 18.25
N LEU B 312 10.78 -14.28 17.78
CA LEU B 312 9.92 -15.36 17.31
C LEU B 312 9.45 -16.24 18.47
N LEU B 313 8.12 -16.28 18.68
CA LEU B 313 7.54 -17.05 19.77
C LEU B 313 7.29 -18.51 19.42
N ASP B 314 6.77 -18.81 18.24
CA ASP B 314 6.42 -20.19 17.96
C ASP B 314 6.28 -20.40 16.47
N MET B 315 6.18 -21.66 16.08
CA MET B 315 5.86 -22.06 14.72
C MET B 315 4.87 -23.21 14.74
N VAL B 316 3.83 -23.08 13.92
CA VAL B 316 2.81 -24.10 13.72
C VAL B 316 3.01 -24.66 12.32
N GLN B 317 3.37 -25.93 12.24
CA GLN B 317 3.45 -26.66 10.97
C GLN B 317 2.13 -27.38 10.70
N TYR B 318 1.54 -27.10 9.52
CA TYR B 318 0.33 -27.73 8.99
C TYR B 318 0.70 -28.59 7.79
N TYR B 319 -0.05 -29.67 7.58
CA TYR B 319 0.29 -30.59 6.50
C TYR B 319 -0.98 -31.20 5.91
N LEU B 320 -0.81 -31.84 4.77
CA LEU B 320 -1.87 -32.60 4.13
C LEU B 320 -1.43 -34.07 4.05
N ASN B 321 -2.20 -34.94 4.67
CA ASN B 321 -1.93 -36.35 4.48
C ASN B 321 -2.37 -36.69 3.07
N LEU B 322 -1.39 -36.83 2.19
CA LEU B 322 -1.66 -37.01 0.77
C LEU B 322 -2.42 -38.31 0.51
N THR B 323 -2.00 -39.41 1.13
CA THR B 323 -2.68 -40.67 0.82
C THR B 323 -4.14 -40.59 1.26
N GLU B 324 -4.40 -40.03 2.45
CA GLU B 324 -5.77 -39.89 2.94
C GLU B 324 -6.63 -39.04 2.01
N ALA B 325 -6.12 -37.84 1.69
CA ALA B 325 -6.83 -36.93 0.79
C ALA B 325 -7.08 -37.56 -0.58
N ASN B 326 -6.12 -38.34 -1.09
CA ASN B 326 -6.31 -38.97 -2.38
C ASN B 326 -7.29 -40.14 -2.29
N LEU B 327 -7.38 -40.80 -1.12
CA LEU B 327 -8.28 -41.95 -0.96
C LEU B 327 -9.73 -41.52 -1.03
N LYS B 328 -10.07 -40.41 -0.39
CA LYS B 328 -11.47 -39.97 -0.42
C LYS B 328 -11.76 -38.90 -1.47
N GLY B 329 -10.73 -38.25 -2.02
CA GLY B 329 -10.94 -37.18 -2.98
C GLY B 329 -11.29 -35.86 -2.35
N GLU B 330 -10.90 -35.63 -1.11
CA GLU B 330 -11.17 -34.37 -0.43
C GLU B 330 -10.02 -34.13 0.53
N SER B 331 -9.61 -32.86 0.68
CA SER B 331 -8.43 -32.60 1.50
C SER B 331 -8.82 -32.33 2.93
N ASN B 332 -7.85 -32.49 3.82
CA ASN B 332 -7.99 -32.26 5.25
C ASN B 332 -6.68 -31.68 5.76
N TRP B 333 -6.33 -30.49 5.27
CA TRP B 333 -5.18 -29.76 5.78
C TRP B 333 -5.32 -29.65 7.28
N THR B 334 -4.26 -29.97 8.01
CA THR B 334 -4.41 -30.07 9.45
C THR B 334 -3.07 -29.86 10.15
N LEU B 335 -3.16 -29.49 11.43
CA LEU B 335 -2.00 -29.32 12.30
C LEU B 335 -1.12 -30.57 12.31
N GLU B 336 0.17 -30.39 11.96
CA GLU B 336 1.16 -31.42 12.26
C GLU B 336 1.72 -31.22 13.66
N TYR B 337 2.23 -30.02 13.95
CA TYR B 337 2.69 -29.79 15.31
C TYR B 337 2.88 -28.30 15.58
N VAL B 338 2.83 -27.95 16.86
CA VAL B 338 3.30 -26.66 17.36
C VAL B 338 4.69 -26.85 17.97
N LEU B 339 5.66 -26.06 17.50
CA LEU B 339 7.06 -26.36 17.79
C LEU B 339 7.34 -26.36 19.30
N THR B 340 6.93 -25.30 20.02
CA THR B 340 7.13 -25.29 21.47
C THR B 340 6.50 -26.52 22.12
N GLN B 341 5.29 -26.87 21.70
CA GLN B 341 4.60 -28.02 22.27
C GLN B 341 5.30 -29.32 21.91
N ALA B 342 5.67 -29.47 20.63
CA ALA B 342 6.30 -30.72 20.20
C ALA B 342 7.62 -30.95 20.93
N TYR B 343 8.36 -29.87 21.20
CA TYR B 343 9.72 -29.99 21.71
C TYR B 343 9.90 -29.44 23.11
N SER B 344 8.83 -28.97 23.75
CA SER B 344 8.88 -28.51 25.14
C SER B 344 9.88 -27.38 25.33
N VAL B 345 10.09 -26.56 24.31
CA VAL B 345 10.94 -25.40 24.42
C VAL B 345 10.06 -24.20 24.74
N ALA B 346 10.70 -23.08 25.09
CA ALA B 346 9.94 -21.91 25.49
C ALA B 346 9.60 -20.99 24.32
N ASP B 347 10.45 -20.97 23.30
CA ASP B 347 10.33 -20.02 22.20
C ASP B 347 11.31 -20.44 21.12
N LEU B 348 11.45 -19.57 20.11
CA LEU B 348 12.24 -19.85 18.92
C LEU B 348 13.57 -19.09 18.94
N GLN B 349 13.97 -18.58 20.10
CA GLN B 349 15.23 -17.86 20.19
C GLN B 349 16.38 -18.82 20.01
N PRO B 350 17.53 -18.32 19.55
CA PRO B 350 18.66 -19.22 19.33
C PRO B 350 19.01 -20.07 20.55
N LYS B 351 19.00 -19.50 21.76
CA LYS B 351 19.39 -20.27 22.92
C LYS B 351 18.45 -21.46 23.14
N SER B 352 17.16 -21.26 22.88
CA SER B 352 16.19 -22.33 23.10
C SER B 352 16.41 -23.49 22.13
N LEU B 353 16.62 -23.16 20.86
CA LEU B 353 16.83 -24.21 19.85
C LEU B 353 18.18 -24.88 20.06
N TYR B 354 19.20 -24.11 20.39
CA TYR B 354 20.49 -24.65 20.75
C TYR B 354 20.38 -25.73 21.84
N ALA B 355 19.67 -25.40 22.93
CA ALA B 355 19.45 -26.39 23.99
C ALA B 355 18.71 -27.61 23.44
N LEU B 356 17.67 -27.37 22.64
CA LEU B 356 16.91 -28.48 22.07
C LEU B 356 17.81 -29.43 21.29
N VAL B 357 18.71 -28.89 20.47
CA VAL B 357 19.51 -29.76 19.63
C VAL B 357 20.59 -30.46 20.46
N GLN B 358 21.01 -29.84 21.58
CA GLN B 358 21.81 -30.59 22.53
C GLN B 358 21.07 -31.84 22.98
N GLN B 359 19.78 -31.72 23.27
CA GLN B 359 18.99 -32.93 23.58
C GLN B 359 18.96 -33.89 22.40
N PHE B 360 18.73 -33.38 21.18
CA PHE B 360 18.77 -34.22 19.98
C PHE B 360 19.99 -35.12 19.98
N ALA B 361 21.14 -34.57 20.35
CA ALA B 361 22.38 -35.28 20.17
C ALA B 361 22.52 -36.51 21.07
N THR B 362 21.76 -36.58 22.16
CA THR B 362 21.90 -37.69 23.10
C THR B 362 21.45 -39.00 22.44
N LYS B 363 22.03 -40.11 22.87
CA LYS B 363 21.73 -41.40 22.24
C LYS B 363 20.25 -41.75 22.38
N ASP B 364 19.71 -42.34 21.29
CA ASP B 364 18.28 -42.70 21.18
C ASP B 364 17.36 -41.59 21.66
N SER B 365 17.76 -40.33 21.48
CA SER B 365 16.89 -39.21 21.81
C SER B 365 15.54 -39.35 21.10
N LYS B 366 14.47 -39.28 21.89
CA LYS B 366 13.12 -39.27 21.34
C LYS B 366 12.82 -37.95 20.66
N GLN B 367 13.41 -36.87 21.16
CA GLN B 367 13.30 -35.56 20.53
C GLN B 367 13.74 -35.64 19.07
N PHE B 368 14.91 -36.24 18.81
CA PHE B 368 15.39 -36.32 17.43
C PHE B 368 14.58 -37.31 16.59
N LEU B 369 14.03 -38.36 17.21
CA LEU B 369 13.16 -39.26 16.46
C LEU B 369 11.92 -38.52 15.97
N LYS B 370 11.31 -37.75 16.85
CA LYS B 370 10.17 -36.93 16.45
C LYS B 370 10.58 -35.93 15.37
N TYR B 371 11.71 -35.24 15.56
CA TYR B 371 12.25 -34.32 14.54
C TYR B 371 12.41 -35.02 13.19
N TYR B 372 12.99 -36.23 13.18
CA TYR B 372 13.23 -36.92 11.91
C TYR B 372 11.95 -37.39 11.23
N HIS B 373 10.96 -37.79 12.04
CA HIS B 373 9.63 -38.05 11.51
C HIS B 373 9.03 -36.79 10.86
N TYR B 374 9.16 -35.64 11.54
CA TYR B 374 8.65 -34.37 11.00
C TYR B 374 9.47 -33.84 9.82
N TYR B 375 10.70 -34.33 9.66
CA TYR B 375 11.56 -33.91 8.55
C TYR B 375 10.91 -34.20 7.19
N PHE B 376 10.27 -35.36 7.08
CA PHE B 376 9.51 -35.73 5.91
C PHE B 376 8.05 -35.30 6.01
N VAL B 377 7.70 -34.42 6.96
CA VAL B 377 6.33 -33.99 7.22
C VAL B 377 5.44 -35.22 7.45
N SER B 378 5.93 -36.13 8.29
CA SER B 378 5.19 -37.31 8.76
C SER B 378 4.86 -38.29 7.63
N TYR B 379 5.57 -38.22 6.49
CA TYR B 379 5.23 -39.07 5.35
C TYR B 379 5.40 -40.55 5.65
N ASP B 380 6.29 -40.90 6.57
CA ASP B 380 6.50 -42.32 6.89
C ASP B 380 7.01 -42.42 8.32
N SER B 381 6.17 -42.94 9.21
CA SER B 381 6.59 -43.12 10.59
C SER B 381 7.60 -44.26 10.76
N SER B 382 7.83 -45.06 9.72
CA SER B 382 8.80 -46.15 9.76
C SER B 382 10.14 -45.77 9.15
N ALA B 383 10.28 -44.54 8.65
CA ALA B 383 11.57 -44.10 8.16
C ALA B 383 12.54 -43.97 9.32
N THR B 384 13.73 -44.53 9.16
CA THR B 384 14.69 -44.54 10.26
C THR B 384 15.98 -43.87 9.81
N CYS B 385 16.76 -43.46 10.81
CA CYS B 385 17.97 -42.67 10.59
C CYS B 385 19.05 -43.31 11.47
N ASP B 386 19.95 -44.07 10.86
CA ASP B 386 21.00 -44.73 11.63
C ASP B 386 21.99 -43.70 12.19
N GLN B 387 23.04 -44.19 12.86
CA GLN B 387 23.88 -43.26 13.59
C GLN B 387 24.68 -42.36 12.64
N HIS B 388 25.08 -42.89 11.48
CA HIS B 388 25.68 -42.04 10.45
C HIS B 388 24.71 -40.95 10.01
N CYS B 389 23.50 -41.36 9.64
CA CYS B 389 22.43 -40.43 9.32
C CYS B 389 22.21 -39.40 10.43
N LYS B 390 22.16 -39.85 11.69
CA LYS B 390 21.94 -38.90 12.77
C LYS B 390 23.08 -37.89 12.85
N THR B 391 24.32 -38.34 12.69
CA THR B 391 25.45 -37.43 12.81
C THR B 391 25.41 -36.38 11.71
N LEU B 392 25.13 -36.81 10.47
CA LEU B 392 24.95 -35.86 9.37
C LEU B 392 23.87 -34.83 9.72
N GLN B 393 22.76 -35.29 10.29
CA GLN B 393 21.64 -34.40 10.58
C GLN B 393 22.02 -33.37 11.63
N VAL B 394 22.45 -33.85 12.81
CA VAL B 394 22.74 -32.96 13.93
C VAL B 394 23.86 -31.97 13.58
N CYS B 395 24.90 -32.46 12.90
CA CYS B 395 26.00 -31.58 12.55
C CYS B 395 25.58 -30.52 11.56
N ALA B 396 24.65 -30.85 10.64
CA ALA B 396 24.14 -29.83 9.73
C ALA B 396 23.24 -28.83 10.46
N ILE B 397 22.55 -29.29 11.50
CA ILE B 397 21.65 -28.40 12.23
C ILE B 397 22.44 -27.36 13.01
N MET B 398 23.60 -27.73 13.55
CA MET B 398 24.28 -26.81 14.46
C MET B 398 25.45 -26.05 13.84
N ASN B 399 26.01 -26.53 12.75
CA ASN B 399 27.29 -26.03 12.24
C ASN B 399 27.12 -25.66 10.77
N LEU B 400 26.94 -24.36 10.51
CA LEU B 400 26.61 -23.86 9.18
C LEU B 400 27.83 -23.56 8.34
N ASP B 401 28.94 -23.21 8.98
CA ASP B 401 30.19 -22.93 8.28
C ASP B 401 31.06 -24.18 8.19
N SER B 402 31.90 -24.24 7.15
CA SER B 402 32.63 -25.46 6.84
C SER B 402 33.51 -25.89 8.00
N MET B 403 34.10 -24.94 8.71
CA MET B 403 35.01 -25.30 9.80
C MET B 403 34.26 -25.98 10.92
N SER B 404 33.18 -25.35 11.40
CA SER B 404 32.33 -25.94 12.40
C SER B 404 31.88 -27.33 11.98
N TYR B 405 31.43 -27.45 10.75
CA TYR B 405 30.81 -28.69 10.31
C TYR B 405 31.85 -29.80 10.21
N ASP B 406 33.02 -29.49 9.66
CA ASP B 406 34.13 -30.43 9.68
C ASP B 406 34.47 -30.86 11.11
N ASP B 407 34.59 -29.90 12.03
CA ASP B 407 34.87 -30.22 13.42
C ASP B 407 33.85 -31.21 13.97
N CYS B 408 32.57 -30.94 13.70
CA CYS B 408 31.49 -31.80 14.18
C CYS B 408 31.63 -33.21 13.63
N LEU B 409 31.79 -33.33 12.31
CA LEU B 409 31.91 -34.65 11.70
C LEU B 409 33.12 -35.40 12.22
N LYS B 410 34.28 -34.73 12.34
CA LYS B 410 35.47 -35.36 12.90
C LYS B 410 35.17 -35.93 14.28
N GLN B 411 34.66 -35.09 15.18
CA GLN B 411 34.42 -35.53 16.53
C GLN B 411 33.37 -36.63 16.64
N HIS B 412 32.45 -36.75 15.66
CA HIS B 412 31.26 -37.57 15.90
C HIS B 412 30.99 -38.68 14.89
N LEU B 413 31.49 -38.61 13.65
CA LEU B 413 31.34 -39.79 12.79
C LEU B 413 32.21 -40.92 13.28
#